data_5WYH
#
_entry.id   5WYH
#
_cell.length_a   44.312
_cell.length_b   82.049
_cell.length_c   87.332
_cell.angle_alpha   101.73
_cell.angle_beta   104.26
_cell.angle_gamma   104.77
#
_symmetry.space_group_name_H-M   'P 1'
#
loop_
_entity.id
_entity.type
_entity.pdbx_description
1 polymer 'Vacuolar protein sorting-associated protein 29'
2 polymer Interaptin
3 non-polymer GLYCEROL
4 water water
#
loop_
_entity_poly.entity_id
_entity_poly.type
_entity_poly.pdbx_seq_one_letter_code
_entity_poly.pdbx_strand_id
1 'polypeptide(L)'
;AGHRLVLVLGDLHIPHRCNSLPAKFKKLLVPGKIQHILCTGNLCTKESYDYLKTLAGDVHIVRGDFDENLNYPEQKVVTV
GQFKIGLIHGHQVIPWGDMASLALLQRQFDVDILISGHTHKFEAFEHENKFYINPGSATGAYNALETNIIPSFVLMDIQA
STVVTYVYQLIGDDVKVERIEYKKP
;
A,C
2 'polypeptide(L)'
;LEEYIRMAKNKEFFDALEEIAESAKNDETLRNELAKVLDDILKTDPSDPEAFRKIVAEHQEFWDEHDPSLMEFNEGRFFG
KSRKQYLKSDDFLNSTDPTYNFQKLHQFAAEQRVKLGLEKSDTDTLVAILKNNPEECRAYIESKKPGLGNFSEGNVHGWL
KEEYTPTIPPKAINKSTGVLSDEAIKRIKEQARDLLLL
;
B,D
#
# COMPACT_ATOMS: atom_id res chain seq x y z
N ALA A 1 11.00 -11.06 10.30
CA ALA A 1 9.65 -10.53 10.68
C ALA A 1 9.72 -9.03 11.02
N GLY A 2 9.34 -8.19 10.05
CA GLY A 2 9.37 -6.72 10.20
C GLY A 2 10.59 -6.07 9.56
N HIS A 3 11.65 -6.86 9.46
CA HIS A 3 12.92 -6.41 8.93
C HIS A 3 12.88 -6.38 7.41
N ARG A 4 13.61 -5.45 6.80
CA ARG A 4 13.86 -5.47 5.36
C ARG A 4 15.35 -5.41 5.03
N LEU A 5 15.82 -6.33 4.18
CA LEU A 5 17.21 -6.36 3.72
C LEU A 5 17.39 -5.60 2.42
N VAL A 6 18.20 -4.53 2.49
CA VAL A 6 18.55 -3.73 1.32
C VAL A 6 20.02 -3.86 0.96
N LEU A 7 20.29 -4.45 -0.22
CA LEU A 7 21.65 -4.47 -0.77
C LEU A 7 22.00 -3.12 -1.36
N VAL A 8 23.14 -2.61 -0.96
CA VAL A 8 23.65 -1.37 -1.46
C VAL A 8 25.00 -1.65 -2.10
N LEU A 9 25.10 -1.39 -3.40
CA LEU A 9 26.37 -1.60 -4.09
C LEU A 9 26.49 -0.65 -5.27
N GLY A 10 27.66 -0.69 -5.91
CA GLY A 10 27.89 0.04 -7.15
C GLY A 10 29.33 0.09 -7.54
N ASP A 11 29.59 0.90 -8.58
CA ASP A 11 30.91 1.10 -9.16
C ASP A 11 31.62 -0.22 -9.46
N LEU A 12 30.89 -1.08 -10.18
CA LEU A 12 31.41 -2.35 -10.64
C LEU A 12 32.37 -2.13 -11.80
N HIS A 13 32.03 -1.20 -12.69
CA HIS A 13 32.82 -0.92 -13.88
C HIS A 13 33.13 -2.19 -14.67
N ILE A 14 32.11 -3.04 -14.83
CA ILE A 14 32.18 -4.24 -15.66
C ILE A 14 31.62 -3.87 -17.02
N PRO A 15 32.31 -4.14 -18.15
CA PRO A 15 33.55 -4.93 -18.29
C PRO A 15 34.84 -4.15 -18.49
N HIS A 16 34.81 -2.83 -18.54
CA HIS A 16 35.99 -2.05 -18.95
C HIS A 16 37.08 -1.93 -17.88
N ARG A 17 36.72 -2.11 -16.61
CA ARG A 17 37.72 -2.13 -15.53
C ARG A 17 37.82 -3.46 -14.78
N CYS A 18 36.74 -4.23 -14.70
CA CYS A 18 36.77 -5.59 -14.14
C CYS A 18 35.94 -6.53 -14.99
N ASN A 19 36.32 -7.80 -15.09
CA ASN A 19 35.51 -8.76 -15.86
C ASN A 19 34.32 -9.24 -15.06
N SER A 20 34.45 -9.27 -13.74
CA SER A 20 33.38 -9.75 -12.89
C SER A 20 33.50 -9.32 -11.44
N LEU A 21 32.47 -9.68 -10.66
CA LEU A 21 32.58 -9.60 -9.21
C LEU A 21 33.54 -10.66 -8.69
N PRO A 22 34.16 -10.40 -7.53
CA PRO A 22 35.02 -11.43 -6.93
C PRO A 22 34.26 -12.74 -6.67
N ALA A 23 34.89 -13.86 -6.93
CA ALA A 23 34.30 -15.18 -6.73
C ALA A 23 33.60 -15.36 -5.36
N LYS A 24 34.19 -14.75 -4.33
CA LYS A 24 33.66 -14.85 -2.98
C LYS A 24 32.39 -14.04 -2.71
N PHE A 25 32.27 -12.91 -3.39
CA PHE A 25 31.02 -12.12 -3.38
C PHE A 25 29.94 -12.85 -4.17
N LYS A 26 30.24 -13.25 -5.40
CA LYS A 26 29.33 -14.09 -6.20
C LYS A 26 28.74 -15.22 -5.38
N LYS A 27 29.62 -15.98 -4.74
CA LYS A 27 29.21 -17.15 -3.97
C LYS A 27 28.26 -16.82 -2.83
N LEU A 28 28.51 -15.71 -2.13
CA LEU A 28 27.67 -15.36 -0.99
C LEU A 28 26.39 -14.59 -1.37
N LEU A 29 26.39 -13.86 -2.49
CA LEU A 29 25.18 -13.11 -2.92
C LEU A 29 24.17 -14.04 -3.56
N VAL A 30 23.33 -14.66 -2.71
CA VAL A 30 22.34 -15.66 -3.13
C VAL A 30 20.98 -14.99 -3.33
N PRO A 31 20.12 -15.59 -4.17
CA PRO A 31 18.75 -15.07 -4.36
C PRO A 31 17.79 -15.41 -3.21
N GLY A 32 16.67 -14.69 -3.12
CA GLY A 32 15.60 -15.01 -2.17
C GLY A 32 15.74 -14.49 -0.75
N LYS A 33 16.64 -13.55 -0.51
CA LYS A 33 16.85 -12.94 0.81
C LYS A 33 16.71 -11.43 0.77
N ILE A 34 17.28 -10.79 -0.25
CA ILE A 34 17.27 -9.35 -0.39
C ILE A 34 15.91 -8.87 -0.89
N GLN A 35 15.40 -7.78 -0.32
CA GLN A 35 14.07 -7.24 -0.72
C GLN A 35 14.19 -6.13 -1.76
N HIS A 36 15.16 -5.24 -1.56
CA HIS A 36 15.43 -4.13 -2.45
C HIS A 36 16.92 -3.99 -2.68
N ILE A 37 17.31 -3.56 -3.89
CA ILE A 37 18.70 -3.24 -4.23
C ILE A 37 18.81 -1.77 -4.67
N LEU A 38 19.65 -1.03 -3.97
CA LEU A 38 19.96 0.35 -4.28
C LEU A 38 21.37 0.40 -4.87
N CYS A 39 21.47 0.68 -6.15
CA CYS A 39 22.74 0.68 -6.84
C CYS A 39 23.19 2.09 -7.15
N THR A 40 24.41 2.41 -6.75
CA THR A 40 24.92 3.76 -6.97
C THR A 40 25.28 4.03 -8.45
N GLY A 41 25.19 3.02 -9.33
CA GLY A 41 25.48 3.16 -10.76
C GLY A 41 26.87 2.68 -11.16
N ASN A 42 27.26 2.97 -12.39
CA ASN A 42 28.46 2.44 -13.04
C ASN A 42 28.54 0.91 -12.94
N LEU A 43 27.41 0.23 -13.14
CA LEU A 43 27.49 -1.23 -13.30
C LEU A 43 28.13 -1.43 -14.64
N CYS A 44 27.65 -0.55 -15.50
CA CYS A 44 28.10 -0.15 -16.81
C CYS A 44 27.24 -0.74 -17.89
N THR A 45 26.95 -2.04 -17.84
CA THR A 45 26.10 -2.64 -18.88
C THR A 45 24.92 -3.39 -18.29
N LYS A 46 24.04 -3.77 -19.21
CA LYS A 46 22.87 -4.58 -18.95
C LYS A 46 23.22 -5.94 -18.33
N GLU A 47 24.37 -6.52 -18.68
CA GLU A 47 24.78 -7.81 -18.12
C GLU A 47 24.76 -7.76 -16.59
N SER A 48 25.35 -6.70 -16.02
CA SER A 48 25.35 -6.50 -14.56
C SER A 48 23.95 -6.25 -14.04
N TYR A 49 23.16 -5.47 -14.76
CA TYR A 49 21.79 -5.23 -14.35
C TYR A 49 20.99 -6.53 -14.24
N ASP A 50 21.03 -7.36 -15.28
CA ASP A 50 20.30 -8.63 -15.27
C ASP A 50 20.79 -9.56 -14.11
N TYR A 51 22.07 -9.48 -13.78
CA TYR A 51 22.62 -10.15 -12.60
C TYR A 51 21.98 -9.66 -11.32
N LEU A 52 21.82 -8.35 -11.18
CA LEU A 52 21.19 -7.83 -9.97
C LEU A 52 19.75 -8.33 -9.82
N LYS A 53 19.05 -8.45 -10.94
CA LYS A 53 17.68 -8.96 -10.97
C LYS A 53 17.58 -10.43 -10.53
N THR A 54 18.64 -11.21 -10.69
CA THR A 54 18.70 -12.57 -10.14
C THR A 54 18.68 -12.53 -8.63
N LEU A 55 19.29 -11.50 -8.05
CA LEU A 55 19.36 -11.32 -6.59
C LEU A 55 18.07 -10.75 -5.99
N ALA A 56 17.45 -9.77 -6.64
CA ALA A 56 16.15 -9.28 -6.16
C ALA A 56 15.36 -8.61 -7.24
N GLY A 57 14.05 -8.67 -7.09
CA GLY A 57 13.13 -8.16 -8.09
C GLY A 57 13.21 -6.66 -8.13
N ASP A 58 13.13 -6.05 -6.97
CA ASP A 58 13.09 -4.62 -6.88
C ASP A 58 14.46 -3.97 -6.93
N VAL A 59 14.91 -3.61 -8.13
CA VAL A 59 16.22 -2.97 -8.33
C VAL A 59 16.07 -1.49 -8.67
N HIS A 60 16.68 -0.64 -7.86
CA HIS A 60 16.75 0.77 -8.05
C HIS A 60 18.18 1.19 -8.35
N ILE A 61 18.33 2.09 -9.31
CA ILE A 61 19.66 2.43 -9.79
C ILE A 61 19.71 3.85 -10.34
N VAL A 62 20.84 4.52 -10.13
CA VAL A 62 21.01 5.88 -10.59
C VAL A 62 22.15 5.88 -11.60
N ARG A 63 22.23 6.96 -12.34
CA ARG A 63 23.16 7.02 -13.43
C ARG A 63 24.56 7.36 -12.95
N GLY A 64 25.49 6.45 -13.24
CA GLY A 64 26.91 6.73 -13.08
C GLY A 64 27.50 7.38 -14.32
N ASP A 65 28.65 8.00 -14.16
CA ASP A 65 29.32 8.70 -15.29
C ASP A 65 29.84 7.80 -16.42
N PHE A 66 29.92 6.49 -16.21
CA PHE A 66 30.25 5.54 -17.29
C PHE A 66 29.11 4.61 -17.72
N ASP A 67 27.95 4.70 -17.07
CA ASP A 67 26.81 3.87 -17.45
C ASP A 67 26.44 4.02 -18.93
N GLU A 68 26.24 2.87 -19.58
CA GLU A 68 25.68 2.84 -20.92
C GLU A 68 24.22 3.32 -21.00
N ASN A 69 23.43 3.06 -19.96
CA ASN A 69 22.01 3.35 -19.99
C ASN A 69 21.74 4.81 -19.61
N LEU A 70 21.28 5.58 -20.59
CA LEU A 70 20.92 6.98 -20.35
C LEU A 70 19.50 7.17 -19.77
N ASN A 71 18.75 6.08 -19.58
CA ASN A 71 17.41 6.13 -18.97
C ASN A 71 17.48 6.21 -17.42
N TYR A 72 18.56 5.75 -16.78
CA TYR A 72 18.63 5.85 -15.30
C TYR A 72 18.59 7.30 -14.85
N PRO A 73 17.97 7.57 -13.70
CA PRO A 73 17.88 8.95 -13.25
C PRO A 73 19.15 9.39 -12.59
N GLU A 74 19.36 10.69 -12.53
CA GLU A 74 20.51 11.25 -11.82
C GLU A 74 20.46 10.89 -10.37
N GLN A 75 19.30 11.08 -9.77
CA GLN A 75 19.10 10.77 -8.37
C GLN A 75 17.73 10.18 -8.15
N LYS A 76 17.53 9.67 -6.96
CA LYS A 76 16.34 8.91 -6.66
C LYS A 76 16.13 9.02 -5.18
N VAL A 77 14.86 9.13 -4.79
CA VAL A 77 14.50 9.10 -3.39
C VAL A 77 13.44 8.03 -3.21
N VAL A 78 13.61 7.25 -2.17
CA VAL A 78 12.91 5.99 -2.02
C VAL A 78 12.60 5.87 -0.50
N THR A 79 11.41 5.41 -0.11
CA THR A 79 11.09 5.29 1.32
C THR A 79 11.05 3.82 1.72
N VAL A 80 11.85 3.44 2.71
CA VAL A 80 11.89 2.05 3.21
C VAL A 80 11.69 2.05 4.72
N GLY A 81 10.62 1.43 5.18
CA GLY A 81 10.25 1.50 6.58
C GLY A 81 9.98 2.93 6.97
N GLN A 82 10.58 3.34 8.08
CA GLN A 82 10.55 4.72 8.54
C GLN A 82 11.63 5.63 7.94
N PHE A 83 12.43 5.14 6.99
CA PHE A 83 13.56 5.91 6.45
C PHE A 83 13.35 6.41 5.04
N LYS A 84 13.54 7.72 4.85
CA LYS A 84 13.73 8.29 3.51
C LYS A 84 15.19 8.19 3.12
N ILE A 85 15.44 7.58 1.96
CA ILE A 85 16.81 7.27 1.53
C ILE A 85 17.05 7.90 0.18
N GLY A 86 18.08 8.74 0.09
CA GLY A 86 18.51 9.35 -1.16
C GLY A 86 19.64 8.55 -1.81
N LEU A 87 19.68 8.58 -3.14
CA LEU A 87 20.61 7.80 -3.91
C LEU A 87 21.10 8.63 -5.10
N ILE A 88 22.42 8.71 -5.26
CA ILE A 88 23.08 9.51 -6.29
C ILE A 88 24.49 8.94 -6.48
N HIS A 89 24.97 8.88 -7.72
CA HIS A 89 26.28 8.27 -7.95
C HIS A 89 27.43 9.02 -7.27
N GLY A 90 27.42 10.34 -7.31
CA GLY A 90 28.39 11.15 -6.56
C GLY A 90 29.49 11.84 -7.34
N HIS A 91 29.68 11.49 -8.61
CA HIS A 91 30.59 12.28 -9.47
C HIS A 91 30.16 13.75 -9.62
N GLN A 92 28.89 14.04 -9.35
CA GLN A 92 28.39 15.42 -9.41
C GLN A 92 28.99 16.33 -8.32
N VAL A 93 29.43 15.74 -7.19
CA VAL A 93 29.97 16.54 -6.09
C VAL A 93 31.48 16.82 -6.27
N ILE A 94 31.87 18.07 -6.06
CA ILE A 94 33.26 18.51 -6.19
C ILE A 94 33.67 19.32 -4.94
N PRO A 95 34.75 18.94 -4.24
CA PRO A 95 35.58 17.74 -4.51
C PRO A 95 34.89 16.43 -4.11
N TRP A 96 35.27 15.33 -4.76
CA TRP A 96 34.60 14.04 -4.57
C TRP A 96 34.48 13.61 -3.08
N GLY A 97 33.27 13.22 -2.69
CA GLY A 97 32.95 12.87 -1.30
C GLY A 97 32.96 13.97 -0.26
N ASP A 98 32.94 15.24 -0.69
CA ASP A 98 33.03 16.39 0.23
C ASP A 98 31.84 16.42 1.18
N MET A 99 32.11 16.61 2.47
CA MET A 99 31.10 16.52 3.51
C MET A 99 30.10 17.68 3.45
N ALA A 100 30.58 18.88 3.17
CA ALA A 100 29.70 20.04 2.97
C ALA A 100 28.75 19.83 1.79
N SER A 101 29.25 19.24 0.70
CA SER A 101 28.44 18.94 -0.48
C SER A 101 27.38 17.85 -0.20
N LEU A 102 27.81 16.74 0.40
CA LEU A 102 26.91 15.66 0.79
C LEU A 102 25.84 16.11 1.78
N ALA A 103 26.24 16.95 2.73
CA ALA A 103 25.31 17.58 3.68
C ALA A 103 24.24 18.40 2.96
N LEU A 104 24.66 19.23 2.02
CA LEU A 104 23.73 20.03 1.23
C LEU A 104 22.70 19.15 0.52
N LEU A 105 23.17 18.08 -0.12
CA LEU A 105 22.29 17.12 -0.83
C LEU A 105 21.29 16.41 0.08
N GLN A 106 21.73 16.01 1.28
CA GLN A 106 20.83 15.42 2.28
C GLN A 106 19.65 16.37 2.55
N ARG A 107 19.96 17.63 2.83
CA ARG A 107 18.94 18.65 3.09
C ARG A 107 18.10 18.99 1.87
N GLN A 108 18.72 18.98 0.69
CA GLN A 108 18.01 19.19 -0.59
C GLN A 108 16.98 18.07 -0.81
N PHE A 109 17.41 16.82 -0.69
CA PHE A 109 16.51 15.66 -0.86
C PHE A 109 15.56 15.46 0.31
N ASP A 110 15.95 15.94 1.49
CA ASP A 110 15.26 15.71 2.76
C ASP A 110 15.26 14.23 3.17
N VAL A 111 16.43 13.60 3.18
CA VAL A 111 16.52 12.17 3.50
C VAL A 111 17.11 11.93 4.87
N ASP A 112 16.72 10.81 5.47
CA ASP A 112 17.31 10.32 6.71
C ASP A 112 18.69 9.71 6.44
N ILE A 113 18.81 9.00 5.31
CA ILE A 113 20.04 8.34 4.90
C ILE A 113 20.39 8.73 3.48
N LEU A 114 21.68 9.05 3.22
CA LEU A 114 22.14 9.44 1.90
C LEU A 114 23.19 8.44 1.41
N ILE A 115 22.88 7.78 0.31
CA ILE A 115 23.75 6.79 -0.27
C ILE A 115 24.35 7.42 -1.52
N SER A 116 25.68 7.35 -1.62
CA SER A 116 26.42 7.80 -2.81
C SER A 116 27.66 6.94 -3.04
N GLY A 117 28.24 7.09 -4.22
CA GLY A 117 29.34 6.23 -4.67
C GLY A 117 30.54 7.01 -5.13
N HIS A 118 31.05 6.63 -6.29
CA HIS A 118 32.06 7.36 -7.04
C HIS A 118 33.48 7.35 -6.48
N THR A 119 33.64 7.45 -5.16
CA THR A 119 35.00 7.46 -4.57
C THR A 119 35.69 6.09 -4.53
N HIS A 120 34.90 5.01 -4.64
CA HIS A 120 35.40 3.63 -4.47
C HIS A 120 35.98 3.42 -3.05
N LYS A 121 35.49 4.19 -2.09
CA LYS A 121 35.96 4.14 -0.69
C LYS A 121 34.71 4.03 0.16
N PHE A 122 34.62 2.96 0.95
CA PHE A 122 33.41 2.71 1.68
C PHE A 122 33.30 3.71 2.83
N GLU A 123 32.06 4.06 3.17
CA GLU A 123 31.75 5.00 4.25
C GLU A 123 30.49 4.55 4.94
N ALA A 124 30.43 4.76 6.26
CA ALA A 124 29.16 4.68 6.98
C ALA A 124 29.36 5.46 8.26
N PHE A 125 28.64 6.57 8.40
CA PHE A 125 28.83 7.44 9.56
C PHE A 125 27.67 8.38 9.75
N GLU A 126 27.45 8.72 11.01
CA GLU A 126 26.44 9.70 11.40
C GLU A 126 27.11 11.05 11.40
N HIS A 127 26.46 12.04 10.79
CA HIS A 127 26.89 13.44 10.84
C HIS A 127 25.66 14.33 10.96
N GLU A 128 25.54 15.01 12.09
CA GLU A 128 24.44 15.94 12.36
C GLU A 128 23.08 15.26 12.26
N ASN A 129 22.96 14.16 13.02
CA ASN A 129 21.72 13.38 13.17
C ASN A 129 21.26 12.61 11.93
N LYS A 130 22.06 12.64 10.85
CA LYS A 130 21.72 12.00 9.59
C LYS A 130 22.81 11.00 9.27
N PHE A 131 22.53 10.06 8.37
CA PHE A 131 23.44 8.96 8.11
C PHE A 131 23.88 8.91 6.66
N TYR A 132 25.14 8.54 6.42
CA TYR A 132 25.75 8.62 5.08
C TYR A 132 26.46 7.33 4.74
N ILE A 133 26.13 6.74 3.59
CA ILE A 133 26.67 5.45 3.17
C ILE A 133 27.30 5.58 1.79
N ASN A 134 28.48 4.99 1.65
CA ASN A 134 29.10 4.76 0.37
C ASN A 134 29.51 3.30 0.43
N PRO A 135 28.97 2.47 -0.48
CA PRO A 135 29.25 1.05 -0.43
C PRO A 135 30.65 0.70 -0.97
N GLY A 136 31.33 1.64 -1.64
CA GLY A 136 32.59 1.40 -2.27
C GLY A 136 32.36 0.75 -3.62
N SER A 137 33.41 0.14 -4.17
CA SER A 137 33.28 -0.57 -5.43
C SER A 137 33.21 -2.04 -5.10
N ALA A 138 32.14 -2.71 -5.55
CA ALA A 138 31.97 -4.16 -5.31
C ALA A 138 32.95 -5.04 -6.06
N THR A 139 33.61 -4.49 -7.07
CA THR A 139 34.59 -5.18 -7.87
C THR A 139 36.00 -4.76 -7.52
N GLY A 140 36.15 -3.72 -6.69
CA GLY A 140 37.46 -3.16 -6.39
C GLY A 140 38.10 -2.51 -7.59
N ALA A 141 37.29 -1.92 -8.46
CA ALA A 141 37.82 -1.32 -9.68
C ALA A 141 38.66 -0.12 -9.32
N TYR A 142 39.68 0.15 -10.13
CA TYR A 142 40.47 1.35 -9.98
C TYR A 142 39.56 2.57 -10.15
N ASN A 143 39.85 3.63 -9.38
CA ASN A 143 39.24 4.95 -9.58
C ASN A 143 40.22 5.87 -10.30
N ALA A 144 39.79 7.11 -10.56
CA ALA A 144 40.63 8.10 -11.25
C ALA A 144 41.99 8.40 -10.58
N LEU A 145 42.08 8.16 -9.27
CA LEU A 145 43.27 8.46 -8.47
C LEU A 145 44.06 7.21 -8.05
N GLU A 146 43.46 6.04 -8.16
CA GLU A 146 44.02 4.84 -7.53
C GLU A 146 43.56 3.52 -8.10
N THR A 147 44.48 2.56 -8.08
CA THR A 147 44.19 1.14 -8.19
C THR A 147 44.34 0.64 -6.75
N ASN A 148 44.43 -0.67 -6.53
CA ASN A 148 44.64 -1.22 -5.18
C ASN A 148 43.53 -0.73 -4.24
N ILE A 149 42.32 -1.16 -4.59
CA ILE A 149 41.08 -0.77 -3.95
C ILE A 149 40.45 -2.06 -3.40
N ILE A 150 39.86 -1.96 -2.22
CA ILE A 150 39.26 -3.10 -1.57
C ILE A 150 37.82 -3.34 -2.04
N PRO A 151 37.52 -4.51 -2.65
CA PRO A 151 36.14 -4.74 -3.04
C PRO A 151 35.20 -4.70 -1.85
N SER A 152 34.06 -4.02 -2.01
CA SER A 152 33.10 -3.93 -0.92
C SER A 152 31.68 -3.62 -1.35
N PHE A 153 30.77 -3.93 -0.42
CA PHE A 153 29.37 -3.54 -0.56
C PHE A 153 28.72 -3.54 0.82
N VAL A 154 27.48 -3.07 0.85
CA VAL A 154 26.72 -2.89 2.07
C VAL A 154 25.38 -3.60 2.00
N LEU A 155 24.96 -4.11 3.15
CA LEU A 155 23.63 -4.61 3.36
C LEU A 155 23.09 -3.87 4.55
N MET A 156 21.95 -3.22 4.34
CA MET A 156 21.20 -2.57 5.40
C MET A 156 20.09 -3.51 5.88
N ASP A 157 19.97 -3.67 7.20
CA ASP A 157 18.87 -4.41 7.82
C ASP A 157 18.00 -3.36 8.49
N ILE A 158 16.87 -3.04 7.88
CA ILE A 158 16.01 -1.96 8.37
C ILE A 158 14.84 -2.51 9.15
N GLN A 159 14.66 -2.02 10.38
CA GLN A 159 13.55 -2.41 11.24
C GLN A 159 13.19 -1.26 12.15
N ALA A 160 11.91 -0.88 12.15
CA ALA A 160 11.38 0.15 13.03
C ALA A 160 12.14 1.49 12.86
N SER A 161 12.60 2.09 13.97
CA SER A 161 13.33 3.35 13.96
C SER A 161 14.86 3.19 13.73
N THR A 162 15.30 1.98 13.35
CA THR A 162 16.70 1.57 13.44
C THR A 162 17.16 0.90 12.14
N VAL A 163 18.37 1.24 11.69
CA VAL A 163 18.96 0.61 10.51
C VAL A 163 20.33 0.05 10.90
N VAL A 164 20.48 -1.27 10.75
CA VAL A 164 21.76 -1.92 11.00
C VAL A 164 22.46 -2.04 9.65
N THR A 165 23.67 -1.50 9.58
CA THR A 165 24.40 -1.45 8.33
C THR A 165 25.58 -2.40 8.46
N TYR A 166 25.60 -3.39 7.57
CA TYR A 166 26.70 -4.32 7.49
C TYR A 166 27.55 -4.05 6.25
N VAL A 167 28.83 -3.79 6.45
CA VAL A 167 29.79 -3.61 5.37
C VAL A 167 30.54 -4.92 5.18
N TYR A 168 30.55 -5.41 3.94
CA TYR A 168 31.29 -6.59 3.57
C TYR A 168 32.52 -6.14 2.76
N GLN A 169 33.73 -6.57 3.16
CA GLN A 169 34.94 -6.23 2.42
C GLN A 169 35.81 -7.46 2.22
N LEU A 170 36.31 -7.65 1.00
CA LEU A 170 37.25 -8.73 0.72
C LEU A 170 38.65 -8.26 1.03
N ILE A 171 39.23 -8.79 2.10
CA ILE A 171 40.53 -8.39 2.55
C ILE A 171 41.34 -9.64 2.75
N GLY A 172 42.46 -9.74 2.03
CA GLY A 172 43.21 -10.98 1.94
C GLY A 172 42.30 -12.11 1.47
N ASP A 173 42.26 -13.17 2.25
CA ASP A 173 41.48 -14.37 1.91
C ASP A 173 40.03 -14.37 2.43
N ASP A 174 39.63 -13.43 3.27
CA ASP A 174 38.30 -13.47 3.90
C ASP A 174 37.44 -12.29 3.53
N VAL A 175 36.14 -12.51 3.54
CA VAL A 175 35.17 -11.43 3.51
C VAL A 175 34.96 -11.03 4.95
N LYS A 176 35.42 -9.85 5.34
CA LYS A 176 35.21 -9.34 6.69
C LYS A 176 33.94 -8.50 6.66
N VAL A 177 33.17 -8.63 7.74
CA VAL A 177 31.90 -7.91 7.93
C VAL A 177 32.01 -6.99 9.14
N GLU A 178 31.60 -5.74 8.99
CA GLU A 178 31.48 -4.80 10.11
C GLU A 178 30.01 -4.40 10.27
N ARG A 179 29.61 -4.12 11.50
CA ARG A 179 28.24 -3.77 11.84
C ARG A 179 28.20 -2.38 12.49
N ILE A 180 27.50 -1.44 11.87
CA ILE A 180 27.25 -0.11 12.43
C ILE A 180 25.75 0.09 12.53
N GLU A 181 25.31 0.78 13.58
CA GLU A 181 23.89 0.90 13.89
C GLU A 181 23.49 2.36 13.87
N TYR A 182 22.29 2.66 13.39
CA TYR A 182 21.80 4.03 13.31
C TYR A 182 20.32 4.10 13.64
N LYS A 183 20.00 4.91 14.63
CA LYS A 183 18.63 5.13 15.03
C LYS A 183 18.24 6.53 14.66
N LYS A 184 17.02 6.66 14.15
CA LYS A 184 16.44 7.95 13.78
C LYS A 184 16.23 8.74 15.07
N PRO A 185 16.81 9.94 15.17
CA PRO A 185 16.49 10.73 16.36
C PRO A 185 15.07 11.25 16.26
N GLU B 3 45.10 -38.89 43.41
CA GLU B 3 46.32 -39.74 43.24
C GLU B 3 47.67 -39.03 43.52
N TYR B 4 47.66 -37.70 43.43
CA TYR B 4 48.89 -36.87 43.43
C TYR B 4 49.16 -36.27 44.83
N ILE B 5 50.19 -35.43 44.95
CA ILE B 5 50.51 -34.69 46.19
C ILE B 5 50.67 -33.17 45.95
N ARG B 6 49.53 -32.45 46.04
CA ARG B 6 49.45 -30.99 45.90
C ARG B 6 48.88 -30.40 47.21
N MET B 7 49.58 -29.45 47.83
CA MET B 7 49.13 -28.92 49.13
C MET B 7 48.08 -27.80 49.00
N ALA B 8 48.02 -27.15 47.85
CA ALA B 8 47.10 -26.00 47.64
C ALA B 8 45.64 -26.44 47.48
N LYS B 9 44.74 -25.46 47.54
CA LYS B 9 43.29 -25.68 47.50
C LYS B 9 42.65 -25.62 46.09
N ASN B 10 43.46 -25.56 45.03
CA ASN B 10 42.95 -25.44 43.66
C ASN B 10 41.82 -26.44 43.33
N LYS B 11 42.11 -27.73 43.49
CA LYS B 11 41.15 -28.78 43.18
C LYS B 11 39.92 -28.73 44.09
N GLU B 12 40.14 -28.37 45.34
CA GLU B 12 39.03 -28.24 46.32
C GLU B 12 37.94 -27.30 45.84
N PHE B 13 38.33 -26.08 45.46
CA PHE B 13 37.37 -25.08 44.98
C PHE B 13 36.65 -25.53 43.70
N PHE B 14 37.38 -26.18 42.81
CA PHE B 14 36.80 -26.78 41.61
C PHE B 14 35.71 -27.80 41.99
N ASP B 15 36.06 -28.77 42.84
CA ASP B 15 35.11 -29.80 43.28
C ASP B 15 33.95 -29.23 44.11
N ALA B 16 34.26 -28.28 44.98
CA ALA B 16 33.25 -27.56 45.76
C ALA B 16 32.20 -26.87 44.89
N LEU B 17 32.66 -26.22 43.82
CA LEU B 17 31.76 -25.59 42.84
C LEU B 17 30.87 -26.61 42.12
N GLU B 18 31.46 -27.74 41.74
CA GLU B 18 30.71 -28.89 41.23
C GLU B 18 29.55 -29.21 42.18
N GLU B 19 29.88 -29.44 43.46
CA GLU B 19 28.88 -29.84 44.48
C GLU B 19 27.84 -28.76 44.74
N ILE B 20 28.30 -27.52 44.91
CA ILE B 20 27.37 -26.44 45.20
C ILE B 20 26.33 -26.31 44.08
N ALA B 21 26.75 -26.60 42.85
CA ALA B 21 25.84 -26.56 41.67
C ALA B 21 24.74 -27.63 41.71
N GLU B 22 25.03 -28.82 42.22
CA GLU B 22 24.01 -29.87 42.34
C GLU B 22 22.92 -29.48 43.33
N SER B 23 23.34 -28.92 44.46
CA SER B 23 22.42 -28.44 45.49
C SER B 23 21.56 -27.30 44.98
N ALA B 24 22.15 -26.42 44.16
CA ALA B 24 21.47 -25.25 43.64
C ALA B 24 20.31 -25.55 42.68
N LYS B 25 20.29 -26.74 42.08
CA LYS B 25 19.21 -27.15 41.16
C LYS B 25 17.81 -27.09 41.80
N ASN B 26 17.74 -27.25 43.12
CA ASN B 26 16.53 -27.01 43.88
C ASN B 26 16.55 -25.60 44.49
N ASP B 27 17.57 -25.34 45.30
CA ASP B 27 17.65 -24.15 46.14
C ASP B 27 17.90 -22.87 45.32
N GLU B 28 16.86 -22.04 45.21
CA GLU B 28 16.92 -20.81 44.41
C GLU B 28 17.84 -19.75 45.01
N THR B 29 17.78 -19.56 46.33
CA THR B 29 18.66 -18.61 47.03
C THR B 29 20.14 -18.96 46.81
N LEU B 30 20.45 -20.24 46.90
CA LEU B 30 21.78 -20.75 46.61
C LEU B 30 22.18 -20.56 45.13
N ARG B 31 21.23 -20.75 44.21
CA ARG B 31 21.49 -20.52 42.78
C ARG B 31 21.98 -19.09 42.52
N ASN B 32 21.28 -18.13 43.12
CA ASN B 32 21.60 -16.70 42.97
C ASN B 32 22.94 -16.34 43.66
N GLU B 33 23.18 -16.89 44.85
CA GLU B 33 24.48 -16.72 45.53
C GLU B 33 25.62 -17.29 44.69
N LEU B 34 25.46 -18.51 44.21
CA LEU B 34 26.46 -19.15 43.33
C LEU B 34 26.65 -18.39 42.01
N ALA B 35 25.57 -17.84 41.46
CA ALA B 35 25.65 -17.05 40.25
C ALA B 35 26.57 -15.87 40.44
N LYS B 36 26.34 -15.10 41.51
CA LYS B 36 27.15 -13.92 41.87
C LYS B 36 28.62 -14.27 42.00
N VAL B 37 28.89 -15.34 42.77
CA VAL B 37 30.24 -15.84 43.00
C VAL B 37 30.94 -16.12 41.68
N LEU B 38 30.30 -16.92 40.82
CA LEU B 38 30.82 -17.26 39.49
C LEU B 38 31.00 -16.03 38.57
N ASP B 39 30.04 -15.11 38.62
CA ASP B 39 30.14 -13.84 37.89
C ASP B 39 31.41 -13.07 38.36
N ASP B 40 31.65 -13.02 39.67
CA ASP B 40 32.84 -12.35 40.23
C ASP B 40 34.15 -12.99 39.79
N ILE B 41 34.17 -14.31 39.67
CA ILE B 41 35.36 -15.00 39.17
C ILE B 41 35.56 -14.67 37.69
N LEU B 42 34.48 -14.65 36.93
CA LEU B 42 34.58 -14.45 35.50
C LEU B 42 35.03 -13.04 35.11
N LYS B 43 34.61 -12.00 35.86
CA LYS B 43 35.11 -10.62 35.59
C LYS B 43 36.61 -10.45 35.86
N THR B 44 37.15 -11.31 36.72
CA THR B 44 38.56 -11.25 37.11
C THR B 44 39.48 -11.89 36.08
N ASP B 45 40.66 -11.30 35.92
CA ASP B 45 41.67 -11.75 34.98
C ASP B 45 42.44 -12.92 35.62
N PRO B 46 42.35 -14.13 35.03
CA PRO B 46 43.12 -15.26 35.58
C PRO B 46 44.64 -15.12 35.42
N SER B 47 45.05 -14.32 34.44
CA SER B 47 46.45 -14.01 34.19
C SER B 47 47.10 -13.14 35.27
N ASP B 48 46.27 -12.52 36.12
CA ASP B 48 46.69 -11.66 37.23
C ASP B 48 46.51 -12.44 38.57
N PRO B 49 47.53 -13.23 38.98
CA PRO B 49 47.38 -14.13 40.14
C PRO B 49 46.92 -13.45 41.43
N GLU B 50 47.33 -12.20 41.61
CA GLU B 50 46.96 -11.43 42.79
C GLU B 50 45.46 -11.12 42.86
N ALA B 51 44.91 -10.60 41.76
CA ALA B 51 43.49 -10.28 41.68
C ALA B 51 42.62 -11.52 41.81
N PHE B 52 43.12 -12.62 41.24
CA PHE B 52 42.37 -13.87 41.20
C PHE B 52 42.34 -14.55 42.57
N ARG B 53 43.46 -14.54 43.29
CA ARG B 53 43.46 -15.02 44.68
C ARG B 53 42.54 -14.15 45.53
N LYS B 54 42.60 -12.84 45.32
CA LYS B 54 41.80 -11.88 46.10
C LYS B 54 40.31 -12.09 45.94
N ILE B 55 39.85 -12.34 44.71
CA ILE B 55 38.41 -12.46 44.45
C ILE B 55 37.84 -13.77 45.05
N VAL B 56 38.60 -14.86 44.92
CA VAL B 56 38.23 -16.13 45.55
C VAL B 56 38.25 -15.94 47.07
N ALA B 57 39.29 -15.27 47.56
CA ALA B 57 39.44 -14.96 48.99
C ALA B 57 38.28 -14.16 49.59
N GLU B 58 37.77 -13.17 48.87
CA GLU B 58 36.72 -12.28 49.40
C GLU B 58 35.31 -12.92 49.52
N HIS B 59 35.11 -14.09 48.91
CA HIS B 59 33.83 -14.82 49.05
C HIS B 59 33.85 -15.87 50.15
N GLN B 60 34.59 -15.57 51.21
CA GLN B 60 34.87 -16.50 52.30
C GLN B 60 33.60 -16.94 53.03
N GLU B 61 32.66 -16.01 53.19
CA GLU B 61 31.37 -16.31 53.80
C GLU B 61 30.65 -17.43 53.05
N PHE B 62 30.60 -17.27 51.73
CA PHE B 62 30.00 -18.26 50.85
C PHE B 62 30.70 -19.62 50.95
N TRP B 63 32.03 -19.63 50.93
CA TRP B 63 32.80 -20.89 50.98
C TRP B 63 32.61 -21.60 52.33
N ASP B 64 32.66 -20.84 53.43
CA ASP B 64 32.44 -21.38 54.77
C ASP B 64 31.07 -22.03 54.96
N GLU B 65 30.04 -21.47 54.30
CA GLU B 65 28.70 -22.06 54.34
C GLU B 65 28.69 -23.50 53.85
N HIS B 66 29.38 -23.75 52.75
CA HIS B 66 29.45 -25.08 52.18
C HIS B 66 30.46 -25.94 52.93
N ASP B 67 31.71 -25.49 52.95
CA ASP B 67 32.82 -26.24 53.51
C ASP B 67 33.82 -25.31 54.22
N PRO B 68 33.85 -25.34 55.56
CA PRO B 68 34.85 -24.52 56.28
C PRO B 68 36.33 -24.86 56.00
N SER B 69 36.63 -26.06 55.50
CA SER B 69 37.99 -26.47 55.16
C SER B 69 38.61 -25.72 53.97
N LEU B 70 37.80 -25.10 53.12
CA LEU B 70 38.33 -24.39 51.94
C LEU B 70 39.20 -23.20 52.34
N MET B 71 38.71 -22.41 53.29
CA MET B 71 39.43 -21.23 53.79
C MET B 71 40.17 -21.45 55.13
N GLU B 72 40.46 -22.71 55.45
CA GLU B 72 41.07 -23.06 56.70
C GLU B 72 42.57 -22.81 56.59
N PHE B 73 43.12 -22.13 57.59
CA PHE B 73 44.57 -21.98 57.72
C PHE B 73 44.95 -21.97 59.20
N ASN B 74 45.83 -22.92 59.55
CA ASN B 74 46.13 -23.27 60.93
C ASN B 74 47.38 -22.49 61.34
N GLU B 75 47.17 -21.23 61.71
CA GLU B 75 48.24 -20.24 61.87
C GLU B 75 48.96 -20.46 63.23
N GLY B 76 49.59 -21.62 63.39
CA GLY B 76 50.03 -22.08 64.69
C GLY B 76 51.29 -21.37 65.13
N ARG B 77 51.29 -20.90 66.38
CA ARG B 77 52.45 -20.24 67.00
C ARG B 77 52.91 -18.97 66.22
N PHE B 78 54.20 -18.61 66.30
CA PHE B 78 54.77 -17.51 65.47
C PHE B 78 55.62 -18.02 64.27
N PHE B 79 55.55 -19.32 63.98
CA PHE B 79 56.37 -19.96 62.94
C PHE B 79 55.49 -20.18 61.72
N GLY B 80 56.10 -20.56 60.59
CA GLY B 80 55.39 -20.70 59.31
C GLY B 80 54.84 -19.39 58.77
N LYS B 81 54.00 -19.46 57.74
CA LYS B 81 53.38 -18.26 57.14
C LYS B 81 52.27 -17.61 57.99
N SER B 82 52.01 -16.33 57.71
CA SER B 82 50.86 -15.60 58.24
C SER B 82 49.62 -15.86 57.38
N ARG B 83 48.45 -15.51 57.91
CA ARG B 83 47.17 -15.76 57.22
C ARG B 83 47.01 -14.82 56.04
N LYS B 84 47.31 -13.54 56.27
CA LYS B 84 47.40 -12.52 55.23
C LYS B 84 48.31 -12.98 54.10
N GLN B 85 49.50 -13.46 54.50
CA GLN B 85 50.53 -13.91 53.56
C GLN B 85 50.14 -15.22 52.86
N TYR B 86 49.46 -16.10 53.60
CA TYR B 86 48.91 -17.36 53.07
C TYR B 86 47.89 -17.10 51.93
N LEU B 87 46.92 -16.21 52.18
CA LEU B 87 45.88 -15.88 51.18
C LEU B 87 46.41 -15.19 49.90
N LYS B 88 47.63 -14.68 49.93
CA LYS B 88 48.30 -14.12 48.77
C LYS B 88 49.35 -15.08 48.15
N SER B 89 49.37 -16.34 48.59
CA SER B 89 50.44 -17.28 48.23
C SER B 89 49.98 -18.52 47.44
N ASP B 90 50.97 -19.28 46.97
CA ASP B 90 50.74 -20.51 46.21
C ASP B 90 50.19 -21.66 47.06
N ASP B 91 50.48 -21.69 48.36
CA ASP B 91 49.96 -22.80 49.20
C ASP B 91 48.47 -22.63 49.55
N PHE B 92 47.91 -21.45 49.27
CA PHE B 92 46.46 -21.25 49.25
C PHE B 92 45.88 -21.63 47.89
N LEU B 93 46.43 -21.02 46.84
CA LEU B 93 46.02 -21.25 45.45
C LEU B 93 47.22 -20.94 44.57
N ASN B 94 47.76 -21.92 43.85
CA ASN B 94 48.99 -21.66 43.07
C ASN B 94 48.69 -21.51 41.59
N SER B 95 49.33 -20.51 40.99
CA SER B 95 49.12 -20.14 39.57
C SER B 95 49.72 -21.14 38.58
N THR B 96 50.77 -21.84 38.98
CA THR B 96 51.42 -22.82 38.09
C THR B 96 50.97 -24.27 38.38
N ASP B 97 49.80 -24.45 38.99
CA ASP B 97 49.21 -25.77 39.12
C ASP B 97 49.16 -26.48 37.76
N PRO B 98 49.53 -27.79 37.71
CA PRO B 98 49.56 -28.51 36.43
C PRO B 98 48.21 -28.85 35.80
N THR B 99 47.11 -28.79 36.56
CA THR B 99 45.76 -29.14 36.04
C THR B 99 44.59 -28.21 36.42
N TYR B 100 44.71 -27.49 37.54
CA TYR B 100 43.70 -26.52 37.95
C TYR B 100 44.34 -25.16 38.21
N ASN B 101 45.10 -24.66 37.25
CA ASN B 101 45.58 -23.27 37.31
C ASN B 101 44.40 -22.31 37.15
N PHE B 102 44.68 -21.01 37.27
CA PHE B 102 43.62 -20.02 37.33
C PHE B 102 42.87 -19.90 36.01
N GLN B 103 43.58 -20.06 34.89
CA GLN B 103 42.94 -20.18 33.56
C GLN B 103 41.88 -21.28 33.53
N LYS B 104 42.26 -22.47 33.99
CA LYS B 104 41.34 -23.61 34.00
C LYS B 104 40.14 -23.40 34.91
N LEU B 105 40.37 -22.76 36.05
CA LEU B 105 39.28 -22.44 36.98
C LEU B 105 38.33 -21.36 36.41
N HIS B 106 38.92 -20.36 35.74
CA HIS B 106 38.15 -19.32 35.06
C HIS B 106 37.29 -19.94 33.94
N GLN B 107 37.90 -20.81 33.13
CA GLN B 107 37.15 -21.55 32.09
C GLN B 107 36.06 -22.43 32.69
N PHE B 108 36.38 -23.15 33.76
CA PHE B 108 35.43 -23.99 34.47
C PHE B 108 34.27 -23.17 35.01
N ALA B 109 34.56 -22.02 35.59
CA ALA B 109 33.53 -21.15 36.11
C ALA B 109 32.59 -20.63 35.03
N ALA B 110 33.11 -20.45 33.82
CA ALA B 110 32.30 -20.00 32.67
C ALA B 110 31.32 -21.08 32.25
N GLU B 111 31.83 -22.29 32.11
CA GLU B 111 30.99 -23.45 31.82
C GLU B 111 29.92 -23.67 32.89
N GLN B 112 30.28 -23.51 34.16
CA GLN B 112 29.32 -23.70 35.27
C GLN B 112 28.25 -22.63 35.28
N ARG B 113 28.60 -21.42 34.86
CA ARG B 113 27.65 -20.31 34.87
C ARG B 113 26.57 -20.51 33.80
N VAL B 114 26.97 -20.95 32.62
CA VAL B 114 26.00 -21.28 31.58
C VAL B 114 25.15 -22.46 32.03
N LYS B 115 25.79 -23.54 32.48
CA LYS B 115 25.05 -24.69 33.01
C LYS B 115 24.07 -24.35 34.13
N LEU B 116 24.43 -23.41 35.00
CA LEU B 116 23.60 -23.03 36.12
C LEU B 116 22.28 -22.44 35.62
N GLY B 117 22.36 -21.49 34.69
CA GLY B 117 21.18 -20.84 34.11
C GLY B 117 20.39 -21.66 33.09
N LEU B 118 21.04 -22.69 32.54
CA LEU B 118 20.40 -23.61 31.61
C LEU B 118 19.34 -24.45 32.32
N GLU B 119 19.65 -24.90 33.53
CA GLU B 119 18.76 -25.77 34.32
C GLU B 119 17.28 -25.33 34.30
N LYS B 120 17.02 -24.04 34.55
CA LYS B 120 15.64 -23.52 34.63
C LYS B 120 15.17 -22.81 33.37
N SER B 121 15.91 -22.95 32.26
CA SER B 121 15.57 -22.26 31.03
C SER B 121 14.62 -23.09 30.15
N ASP B 122 13.88 -22.39 29.28
CA ASP B 122 12.73 -22.96 28.57
C ASP B 122 13.16 -23.79 27.38
N THR B 123 12.22 -24.55 26.83
CA THR B 123 12.53 -25.47 25.75
C THR B 123 13.10 -24.77 24.52
N ASP B 124 12.59 -23.60 24.19
CA ASP B 124 13.13 -22.83 23.07
C ASP B 124 14.64 -22.53 23.23
N THR B 125 15.04 -22.16 24.44
CA THR B 125 16.44 -21.89 24.76
C THR B 125 17.33 -23.13 24.63
N LEU B 126 16.84 -24.25 25.14
CA LEU B 126 17.61 -25.50 25.07
C LEU B 126 17.81 -25.96 23.64
N VAL B 127 16.80 -25.74 22.80
CA VAL B 127 16.89 -26.11 21.39
C VAL B 127 17.84 -25.18 20.65
N ALA B 128 17.82 -23.89 20.99
CA ALA B 128 18.79 -22.95 20.42
C ALA B 128 20.23 -23.38 20.72
N ILE B 129 20.44 -23.92 21.92
CA ILE B 129 21.79 -24.44 22.29
C ILE B 129 22.19 -25.59 21.38
N LEU B 130 21.25 -26.50 21.19
CA LEU B 130 21.44 -27.66 20.28
C LEU B 130 21.62 -27.32 18.81
N LYS B 131 20.85 -26.36 18.30
CA LYS B 131 20.88 -26.02 16.87
C LYS B 131 22.15 -25.29 16.42
N ASN B 132 22.69 -24.43 17.27
CA ASN B 132 23.83 -23.57 16.95
C ASN B 132 25.19 -24.27 17.00
N ASN B 133 26.10 -23.89 16.10
CA ASN B 133 27.49 -24.35 16.17
C ASN B 133 28.19 -23.62 17.33
N PRO B 134 29.42 -24.01 17.70
CA PRO B 134 30.08 -23.38 18.85
C PRO B 134 30.15 -21.86 18.82
N GLU B 135 30.56 -21.30 17.68
CA GLU B 135 30.63 -19.85 17.53
C GLU B 135 29.29 -19.17 17.57
N GLU B 136 28.28 -19.77 16.96
CA GLU B 136 26.90 -19.21 17.05
C GLU B 136 26.40 -19.34 18.47
N CYS B 137 26.73 -20.44 19.11
CA CYS B 137 26.33 -20.72 20.48
C CYS B 137 26.88 -19.70 21.48
N ARG B 138 28.16 -19.38 21.36
CA ARG B 138 28.75 -18.35 22.22
C ARG B 138 28.04 -17.03 22.09
N ALA B 139 27.66 -16.69 20.86
CA ALA B 139 26.96 -15.42 20.60
C ALA B 139 25.54 -15.50 21.10
N TYR B 140 24.96 -16.69 21.05
CA TYR B 140 23.60 -16.90 21.57
C TYR B 140 23.58 -16.75 23.09
N ILE B 141 24.58 -17.30 23.76
CA ILE B 141 24.71 -17.09 25.22
C ILE B 141 24.80 -15.58 25.57
N GLU B 142 25.56 -14.82 24.81
CA GLU B 142 25.61 -13.36 24.99
C GLU B 142 24.25 -12.70 24.80
N SER B 143 23.46 -13.18 23.84
CA SER B 143 22.11 -12.65 23.60
C SER B 143 21.14 -12.86 24.77
N LYS B 144 21.36 -13.90 25.57
CA LYS B 144 20.47 -14.23 26.70
C LYS B 144 20.88 -13.59 28.04
N LYS B 145 21.98 -12.84 28.09
CA LYS B 145 22.42 -12.17 29.34
C LYS B 145 21.29 -11.41 30.00
N PRO B 146 21.15 -11.45 31.33
CA PRO B 146 22.02 -12.18 32.27
C PRO B 146 21.67 -13.66 32.49
N GLY B 147 20.64 -14.15 31.79
CA GLY B 147 20.10 -15.50 31.97
C GLY B 147 21.14 -16.59 32.09
N LEU B 148 22.05 -16.65 31.13
CA LEU B 148 23.06 -17.66 31.10
C LEU B 148 24.41 -17.09 31.51
N GLY B 149 24.39 -15.99 32.30
CA GLY B 149 25.57 -15.26 32.68
C GLY B 149 25.72 -13.96 31.92
N ASN B 150 26.65 -13.13 32.40
CA ASN B 150 26.88 -11.78 31.85
C ASN B 150 27.97 -11.80 30.78
N PHE B 151 27.90 -12.77 29.87
CA PHE B 151 28.94 -12.95 28.88
C PHE B 151 28.87 -11.79 27.89
N SER B 152 29.83 -10.88 28.00
CA SER B 152 29.90 -9.66 27.20
C SER B 152 31.25 -9.00 27.45
N GLU B 153 31.70 -8.16 26.53
CA GLU B 153 32.94 -7.40 26.71
C GLU B 153 32.87 -6.66 28.04
N GLY B 154 34.01 -6.57 28.73
CA GLY B 154 34.07 -5.93 30.04
C GLY B 154 33.75 -6.83 31.23
N ASN B 155 32.67 -7.61 31.12
CA ASN B 155 32.07 -8.30 32.26
C ASN B 155 32.60 -9.71 32.48
N VAL B 156 33.11 -10.33 31.42
CA VAL B 156 33.80 -11.61 31.50
C VAL B 156 35.15 -11.42 30.84
N HIS B 157 36.22 -11.69 31.57
CA HIS B 157 37.54 -11.39 31.07
C HIS B 157 37.95 -12.34 29.96
N GLY B 158 38.46 -11.77 28.88
CA GLY B 158 38.81 -12.50 27.66
C GLY B 158 37.65 -12.67 26.67
N TRP B 159 36.48 -12.10 26.98
CA TRP B 159 35.33 -12.26 26.10
C TRP B 159 35.49 -11.30 24.96
N LEU B 160 35.39 -11.82 23.75
CA LEU B 160 35.70 -11.04 22.55
C LEU B 160 34.48 -10.32 22.01
N LYS B 161 34.78 -9.27 21.26
CA LYS B 161 33.83 -8.55 20.46
C LYS B 161 33.12 -9.55 19.53
N GLU B 162 31.83 -9.34 19.35
CA GLU B 162 31.01 -10.19 18.49
C GLU B 162 31.45 -10.01 17.06
N GLU B 163 31.33 -11.07 16.27
CA GLU B 163 31.67 -11.03 14.86
C GLU B 163 30.49 -11.51 14.05
N TYR B 164 30.58 -11.26 12.76
CA TYR B 164 29.45 -11.50 11.87
C TYR B 164 29.89 -12.26 10.64
N THR B 165 29.16 -13.32 10.31
CA THR B 165 29.48 -14.19 9.19
C THR B 165 29.22 -13.45 7.87
N PRO B 166 30.08 -13.69 6.87
CA PRO B 166 29.92 -13.11 5.56
C PRO B 166 28.84 -13.84 4.75
N THR B 167 27.60 -13.66 5.18
CA THR B 167 26.42 -14.30 4.59
C THR B 167 25.33 -13.26 4.51
N ILE B 168 24.30 -13.53 3.72
CA ILE B 168 23.14 -12.66 3.59
C ILE B 168 21.93 -13.33 4.29
N PRO B 169 21.43 -12.78 5.40
CA PRO B 169 22.09 -11.76 6.21
C PRO B 169 23.19 -12.42 7.07
N PRO B 170 24.00 -11.60 7.77
CA PRO B 170 25.02 -12.14 8.68
C PRO B 170 24.44 -12.77 9.91
N LYS B 171 25.11 -13.76 10.45
CA LYS B 171 24.78 -14.32 11.74
C LYS B 171 25.82 -13.85 12.75
N ALA B 172 25.37 -13.51 13.96
CA ALA B 172 26.29 -13.16 15.04
C ALA B 172 27.08 -14.41 15.46
N ILE B 173 28.37 -14.24 15.72
CA ILE B 173 29.22 -15.32 16.19
C ILE B 173 30.25 -14.76 17.14
N ASN B 174 30.79 -15.65 17.97
CA ASN B 174 31.77 -15.25 18.95
C ASN B 174 32.83 -16.30 19.10
N LYS B 175 34.09 -15.89 19.01
CA LYS B 175 35.25 -16.78 18.98
C LYS B 175 36.00 -16.93 20.31
N SER B 176 35.30 -16.69 21.44
CA SER B 176 35.94 -16.69 22.75
C SER B 176 36.17 -18.11 23.27
N THR B 177 37.10 -18.81 22.62
CA THR B 177 37.42 -20.19 22.96
C THR B 177 38.23 -20.26 24.25
N GLY B 178 39.00 -19.21 24.55
CA GLY B 178 39.70 -19.08 25.85
C GLY B 178 38.83 -18.98 27.10
N VAL B 179 37.56 -18.61 26.92
CA VAL B 179 36.55 -18.57 27.99
C VAL B 179 35.69 -19.83 27.94
N LEU B 180 34.95 -20.01 26.85
CA LEU B 180 34.11 -21.19 26.64
C LEU B 180 34.69 -21.95 25.47
N SER B 181 35.39 -23.02 25.75
CA SER B 181 36.07 -23.80 24.72
C SER B 181 35.08 -24.56 23.90
N ASP B 182 35.50 -25.03 22.74
CA ASP B 182 34.67 -25.93 21.98
C ASP B 182 34.23 -27.13 22.81
N GLU B 183 35.12 -27.67 23.64
CA GLU B 183 34.73 -28.76 24.53
C GLU B 183 33.68 -28.36 25.57
N ALA B 184 33.81 -27.18 26.16
CA ALA B 184 32.80 -26.71 27.09
C ALA B 184 31.43 -26.69 26.43
N ILE B 185 31.34 -26.08 25.24
CA ILE B 185 30.08 -26.00 24.45
C ILE B 185 29.50 -27.37 24.14
N LYS B 186 30.36 -28.31 23.76
CA LYS B 186 29.92 -29.68 23.56
C LYS B 186 29.23 -30.24 24.82
N ARG B 187 29.77 -29.91 26.00
CA ARG B 187 29.22 -30.38 27.29
C ARG B 187 27.97 -29.61 27.68
N ILE B 188 27.95 -28.33 27.33
CA ILE B 188 26.75 -27.49 27.51
C ILE B 188 25.60 -28.04 26.70
N LYS B 189 25.91 -28.41 25.46
CA LYS B 189 24.98 -29.13 24.60
C LYS B 189 24.49 -30.43 25.19
N GLU B 190 25.40 -31.20 25.80
CA GLU B 190 25.02 -32.49 26.43
C GLU B 190 24.00 -32.27 27.56
N GLN B 191 24.22 -31.25 28.38
CA GLN B 191 23.30 -30.84 29.43
C GLN B 191 21.95 -30.43 28.86
N ALA B 192 21.94 -29.58 27.83
CA ALA B 192 20.69 -29.14 27.21
C ALA B 192 19.87 -30.33 26.75
N ARG B 193 20.54 -31.34 26.19
CA ARG B 193 19.87 -32.58 25.79
C ARG B 193 19.25 -33.33 26.97
N ASP B 194 20.02 -33.47 28.06
CA ASP B 194 19.54 -34.15 29.26
C ASP B 194 18.29 -33.46 29.82
N LEU B 195 18.27 -32.14 29.78
CA LEU B 195 17.14 -31.37 30.27
C LEU B 195 15.90 -31.56 29.44
N LEU B 196 16.07 -31.67 28.13
CA LEU B 196 14.96 -32.01 27.22
C LEU B 196 14.46 -33.46 27.38
N LEU B 197 15.27 -34.34 27.94
CA LEU B 197 14.84 -35.71 28.19
C LEU B 197 14.18 -35.92 29.55
N LEU B 198 14.32 -34.97 30.48
CA LEU B 198 13.51 -34.96 31.69
C LEU B 198 12.02 -34.70 31.39
N ALA C 1 -27.36 6.79 2.32
CA ALA C 1 -27.98 5.83 3.32
C ALA C 1 -27.94 4.38 2.81
N GLY C 2 -26.92 3.64 3.27
CA GLY C 2 -26.63 2.29 2.77
C GLY C 2 -25.50 2.26 1.74
N HIS C 3 -25.39 3.35 1.00
CA HIS C 3 -24.45 3.47 -0.09
C HIS C 3 -23.06 3.81 0.45
N ARG C 4 -22.02 3.31 -0.21
CA ARG C 4 -20.65 3.76 0.03
C ARG C 4 -19.95 4.25 -1.24
N LEU C 5 -19.35 5.44 -1.16
CA LEU C 5 -18.60 6.02 -2.27
C LEU C 5 -17.12 5.67 -2.16
N VAL C 6 -16.63 4.95 -3.19
CA VAL C 6 -15.21 4.62 -3.31
C VAL C 6 -14.57 5.31 -4.50
N LEU C 7 -13.63 6.23 -4.24
CA LEU C 7 -12.80 6.82 -5.27
C LEU C 7 -11.72 5.85 -5.71
N VAL C 8 -11.65 5.65 -7.01
CA VAL C 8 -10.64 4.80 -7.60
C VAL C 8 -9.83 5.64 -8.57
N LEU C 9 -8.54 5.78 -8.28
CA LEU C 9 -7.68 6.55 -9.18
C LEU C 9 -6.26 6.03 -9.12
N GLY C 10 -5.41 6.60 -9.97
CA GLY C 10 -3.96 6.36 -9.90
C GLY C 10 -3.24 6.76 -11.16
N ASP C 11 -1.99 6.32 -11.25
CA ASP C 11 -1.06 6.70 -12.32
C ASP C 11 -1.03 8.21 -12.55
N LEU C 12 -0.82 8.92 -11.45
CA LEU C 12 -0.72 10.37 -11.46
C LEU C 12 0.66 10.77 -12.01
N HIS C 13 1.69 10.04 -11.64
CA HIS C 13 3.05 10.33 -12.04
C HIS C 13 3.44 11.79 -11.75
N ILE C 14 3.06 12.27 -10.57
CA ILE C 14 3.41 13.60 -10.08
C ILE C 14 4.63 13.42 -9.21
N PRO C 15 5.73 14.17 -9.41
CA PRO C 15 5.89 15.32 -10.30
C PRO C 15 6.66 15.09 -11.61
N HIS C 16 7.13 13.87 -11.86
CA HIS C 16 8.04 13.62 -12.98
C HIS C 16 7.40 13.60 -14.35
N ARG C 17 6.09 13.36 -14.42
CA ARG C 17 5.34 13.45 -15.68
C ARG C 17 4.26 14.52 -15.70
N CYS C 18 3.64 14.84 -14.55
CA CYS C 18 2.67 15.94 -14.45
C CYS C 18 2.91 16.72 -13.16
N ASN C 19 2.67 18.04 -13.16
CA ASN C 19 2.86 18.83 -11.93
C ASN C 19 1.70 18.66 -10.99
N SER C 20 0.51 18.40 -11.53
CA SER C 20 -0.68 18.29 -10.72
C SER C 20 -1.84 17.60 -11.42
N LEU C 21 -2.91 17.39 -10.65
CA LEU C 21 -4.21 17.04 -11.24
C LEU C 21 -4.79 18.19 -12.02
N PRO C 22 -5.63 17.88 -13.01
CA PRO C 22 -6.28 18.97 -13.75
C PRO C 22 -7.13 19.87 -12.85
N ALA C 23 -7.08 21.17 -13.07
CA ALA C 23 -7.87 22.12 -12.28
C ALA C 23 -9.35 21.73 -12.08
N LYS C 24 -9.94 21.13 -13.11
CA LYS C 24 -11.35 20.74 -13.08
C LYS C 24 -11.64 19.52 -12.21
N PHE C 25 -10.69 18.59 -12.15
CA PHE C 25 -10.76 17.47 -11.22
C PHE C 25 -10.56 17.96 -9.79
N LYS C 26 -9.48 18.71 -9.54
CA LYS C 26 -9.26 19.34 -8.23
C LYS C 26 -10.50 20.00 -7.68
N LYS C 27 -11.12 20.84 -8.52
CA LYS C 27 -12.30 21.59 -8.11
C LYS C 27 -13.47 20.70 -7.70
N LEU C 28 -13.69 19.60 -8.43
CA LEU C 28 -14.81 18.73 -8.13
C LEU C 28 -14.51 17.69 -7.01
N LEU C 29 -13.26 17.30 -6.83
CA LEU C 29 -12.90 16.32 -5.75
C LEU C 29 -12.89 17.00 -4.37
N VAL C 30 -14.06 17.05 -3.75
CA VAL C 30 -14.24 17.76 -2.46
C VAL C 30 -14.18 16.78 -1.28
N PRO C 31 -13.82 17.27 -0.09
CA PRO C 31 -13.79 16.39 1.11
C PRO C 31 -15.17 16.10 1.69
N GLY C 32 -15.27 15.04 2.49
CA GLY C 32 -16.51 14.72 3.25
C GLY C 32 -17.62 13.98 2.50
N LYS C 33 -17.27 13.36 1.38
CA LYS C 33 -18.21 12.56 0.58
C LYS C 33 -17.71 11.15 0.34
N ILE C 34 -16.43 11.01 0.03
CA ILE C 34 -15.79 9.73 -0.25
C ILE C 34 -15.53 8.98 1.05
N GLN C 35 -15.82 7.68 1.09
CA GLN C 35 -15.61 6.86 2.31
C GLN C 35 -14.24 6.15 2.28
N HIS C 36 -13.90 5.59 1.12
CA HIS C 36 -12.67 4.87 0.89
C HIS C 36 -12.04 5.29 -0.44
N ILE C 37 -10.72 5.30 -0.49
CA ILE C 37 -9.95 5.57 -1.72
C ILE C 37 -9.02 4.38 -2.02
N LEU C 38 -9.21 3.80 -3.21
CA LEU C 38 -8.41 2.73 -3.71
C LEU C 38 -7.51 3.30 -4.81
N CYS C 39 -6.22 3.36 -4.56
CA CYS C 39 -5.29 3.96 -5.48
C CYS C 39 -4.44 2.89 -6.14
N THR C 40 -4.42 2.92 -7.46
CA THR C 40 -3.68 1.90 -8.20
C THR C 40 -2.15 2.08 -8.13
N GLY C 41 -1.69 3.16 -7.51
CA GLY C 41 -0.24 3.44 -7.35
C GLY C 41 0.29 4.46 -8.34
N ASN C 42 1.61 4.61 -8.35
CA ASN C 42 2.32 5.65 -9.11
C ASN C 42 1.75 7.04 -8.87
N LEU C 43 1.46 7.36 -7.61
CA LEU C 43 1.13 8.74 -7.24
C LEU C 43 2.44 9.46 -7.40
N CYS C 44 3.40 8.72 -6.87
CA CYS C 44 4.83 8.83 -6.93
C CYS C 44 5.38 9.37 -5.63
N THR C 45 4.84 10.44 -5.08
CA THR C 45 5.38 10.97 -3.82
C THR C 45 4.32 11.12 -2.75
N LYS C 46 4.84 11.41 -1.55
CA LYS C 46 4.04 11.72 -0.37
C LYS C 46 3.10 12.91 -0.56
N GLU C 47 3.51 13.89 -1.36
CA GLU C 47 2.65 15.07 -1.60
C GLU C 47 1.29 14.64 -2.12
N SER C 48 1.26 13.73 -3.10
CA SER C 48 0.01 13.18 -3.62
C SER C 48 -0.74 12.37 -2.58
N TYR C 49 -0.01 11.59 -1.80
CA TYR C 49 -0.64 10.83 -0.72
C TYR C 49 -1.36 11.72 0.27
N ASP C 50 -0.68 12.76 0.76
CA ASP C 50 -1.30 13.68 1.73
C ASP C 50 -2.54 14.41 1.11
N TYR C 51 -2.50 14.66 -0.19
CA TYR C 51 -3.67 15.15 -0.91
C TYR C 51 -4.83 14.19 -0.87
N LEU C 52 -4.56 12.91 -1.08
CA LEU C 52 -5.64 11.93 -1.02
C LEU C 52 -6.30 11.90 0.36
N LYS C 53 -5.48 12.05 1.40
CA LYS C 53 -5.95 12.08 2.78
C LYS C 53 -6.88 13.28 3.08
N THR C 54 -6.74 14.37 2.32
CA THR C 54 -7.69 15.50 2.42
C THR C 54 -9.06 15.08 1.93
N LEU C 55 -9.09 14.18 0.94
CA LEU C 55 -10.35 13.68 0.36
C LEU C 55 -11.02 12.61 1.19
N ALA C 56 -10.25 11.68 1.76
CA ALA C 56 -10.84 10.68 2.68
C ALA C 56 -9.82 10.09 3.61
N GLY C 57 -10.30 9.66 4.76
CA GLY C 57 -9.44 9.15 5.81
C GLY C 57 -8.86 7.83 5.40
N ASP C 58 -9.74 6.95 4.94
CA ASP C 58 -9.33 5.61 4.61
C ASP C 58 -8.74 5.50 3.22
N VAL C 59 -7.42 5.61 3.12
CA VAL C 59 -6.70 5.53 1.83
C VAL C 59 -5.92 4.22 1.71
N HIS C 60 -6.23 3.47 0.65
CA HIS C 60 -5.58 2.21 0.35
C HIS C 60 -4.84 2.35 -0.95
N ILE C 61 -3.65 1.78 -1.02
CA ILE C 61 -2.76 2.03 -2.14
C ILE C 61 -1.77 0.89 -2.34
N VAL C 62 -1.47 0.60 -3.60
CA VAL C 62 -0.55 -0.47 -3.94
C VAL C 62 0.63 0.14 -4.66
N ARG C 63 1.70 -0.65 -4.73
CA ARG C 63 2.93 -0.15 -5.22
C ARG C 63 2.96 -0.13 -6.74
N GLY C 64 3.14 1.07 -7.29
CA GLY C 64 3.43 1.24 -8.71
C GLY C 64 4.93 1.14 -8.99
N ASP C 65 5.27 0.90 -10.24
CA ASP C 65 6.68 0.77 -10.65
C ASP C 65 7.54 2.04 -10.54
N PHE C 66 6.92 3.21 -10.38
CA PHE C 66 7.66 4.45 -10.10
C PHE C 66 7.46 5.05 -8.70
N ASP C 67 6.62 4.42 -7.87
CA ASP C 67 6.42 4.91 -6.50
C ASP C 67 7.71 5.01 -5.72
N GLU C 68 7.89 6.17 -5.07
CA GLU C 68 8.98 6.36 -4.11
C GLU C 68 8.83 5.51 -2.85
N ASN C 69 7.60 5.24 -2.41
CA ASN C 69 7.37 4.50 -1.18
C ASN C 69 7.45 3.00 -1.43
N LEU C 70 8.50 2.37 -0.91
CA LEU C 70 8.68 0.93 -1.04
C LEU C 70 7.89 0.13 0.02
N ASN C 71 7.20 0.81 0.95
CA ASN C 71 6.37 0.15 1.97
C ASN C 71 4.99 -0.26 1.41
N TYR C 72 4.49 0.36 0.34
CA TYR C 72 3.18 -0.08 -0.20
C TYR C 72 3.23 -1.53 -0.65
N PRO C 73 2.12 -2.27 -0.51
CA PRO C 73 2.16 -3.67 -0.90
C PRO C 73 2.00 -3.80 -2.39
N GLU C 74 2.42 -4.94 -2.92
CA GLU C 74 2.23 -5.25 -4.32
C GLU C 74 0.77 -5.28 -4.66
N GLN C 75 0.01 -5.98 -3.85
CA GLN C 75 -1.42 -6.11 -4.04
C GLN C 75 -2.15 -6.05 -2.73
N LYS C 76 -3.45 -5.96 -2.80
CA LYS C 76 -4.25 -5.70 -1.63
C LYS C 76 -5.64 -6.19 -1.94
N VAL C 77 -6.28 -6.78 -0.95
CA VAL C 77 -7.66 -7.20 -1.07
C VAL C 77 -8.42 -6.60 0.10
N VAL C 78 -9.59 -6.09 -0.20
CA VAL C 78 -10.32 -5.21 0.70
C VAL C 78 -11.80 -5.58 0.50
N THR C 79 -12.59 -5.66 1.57
CA THR C 79 -14.04 -5.96 1.41
C THR C 79 -14.87 -4.71 1.65
N VAL C 80 -15.70 -4.33 0.69
CA VAL C 80 -16.62 -3.18 0.83
C VAL C 80 -18.04 -3.62 0.52
N GLY C 81 -18.91 -3.54 1.51
CA GLY C 81 -20.27 -4.01 1.37
C GLY C 81 -20.25 -5.50 1.10
N GLN C 82 -20.98 -5.92 0.06
CA GLN C 82 -20.97 -7.30 -0.39
C GLN C 82 -19.84 -7.67 -1.37
N PHE C 83 -18.94 -6.73 -1.66
CA PHE C 83 -17.92 -6.93 -2.70
C PHE C 83 -16.51 -7.12 -2.15
N LYS C 84 -15.87 -8.21 -2.57
CA LYS C 84 -14.41 -8.37 -2.40
C LYS C 84 -13.72 -7.73 -3.60
N ILE C 85 -12.81 -6.81 -3.32
CA ILE C 85 -12.19 -6.00 -4.36
C ILE C 85 -10.68 -6.15 -4.28
N GLY C 86 -10.07 -6.57 -5.38
CA GLY C 86 -8.63 -6.70 -5.50
C GLY C 86 -8.02 -5.47 -6.15
N LEU C 87 -6.77 -5.20 -5.76
CA LEU C 87 -6.08 -3.99 -6.19
C LEU C 87 -4.62 -4.33 -6.44
N ILE C 88 -4.14 -3.94 -7.63
CA ILE C 88 -2.77 -4.19 -8.07
C ILE C 88 -2.45 -3.17 -9.16
N HIS C 89 -1.22 -2.66 -9.19
CA HIS C 89 -0.87 -1.63 -10.17
C HIS C 89 -0.97 -2.11 -11.61
N GLY C 90 -0.50 -3.32 -11.89
CA GLY C 90 -0.69 -3.94 -13.22
C GLY C 90 0.52 -4.02 -14.13
N HIS C 91 1.61 -3.32 -13.82
CA HIS C 91 2.88 -3.55 -14.56
C HIS C 91 3.37 -4.99 -14.46
N GLN C 92 2.94 -5.73 -13.43
CA GLN C 92 3.33 -7.14 -13.29
C GLN C 92 2.75 -8.05 -14.39
N VAL C 93 1.65 -7.64 -15.01
CA VAL C 93 0.97 -8.44 -16.06
C VAL C 93 1.62 -8.19 -17.44
N ILE C 94 1.91 -9.28 -18.16
CA ILE C 94 2.52 -9.22 -19.49
C ILE C 94 1.74 -10.12 -20.47
N PRO C 95 1.24 -9.59 -21.60
CA PRO C 95 1.32 -8.16 -21.98
C PRO C 95 0.34 -7.28 -21.18
N TRP C 96 0.66 -6.00 -21.06
CA TRP C 96 -0.10 -5.07 -20.20
C TRP C 96 -1.64 -5.09 -20.48
N GLY C 97 -2.42 -5.23 -19.40
CA GLY C 97 -3.87 -5.35 -19.50
C GLY C 97 -4.45 -6.61 -20.15
N ASP C 98 -3.65 -7.67 -20.28
CA ASP C 98 -4.08 -8.91 -20.93
C ASP C 98 -5.22 -9.56 -20.15
N MET C 99 -6.27 -9.96 -20.87
CA MET C 99 -7.49 -10.46 -20.25
C MET C 99 -7.30 -11.82 -19.57
N ALA C 100 -6.53 -12.71 -20.19
CA ALA C 100 -6.19 -13.99 -19.57
C ALA C 100 -5.40 -13.80 -18.27
N SER C 101 -4.48 -12.84 -18.25
CA SER C 101 -3.69 -12.52 -17.04
C SER C 101 -4.56 -11.92 -15.91
N LEU C 102 -5.37 -10.93 -16.26
CA LEU C 102 -6.30 -10.30 -15.31
C LEU C 102 -7.30 -11.31 -14.75
N ALA C 103 -7.82 -12.18 -15.62
CA ALA C 103 -8.69 -13.28 -15.21
C ALA C 103 -8.02 -14.19 -14.19
N LEU C 104 -6.78 -14.60 -14.46
CA LEU C 104 -6.01 -15.43 -13.53
C LEU C 104 -5.91 -14.77 -12.16
N LEU C 105 -5.57 -13.48 -12.14
CA LEU C 105 -5.46 -12.72 -10.88
C LEU C 105 -6.78 -12.60 -10.10
N GLN C 106 -7.88 -12.39 -10.80
CA GLN C 106 -9.20 -12.37 -10.17
C GLN C 106 -9.44 -13.67 -9.39
N ARG C 107 -9.20 -14.80 -10.05
CA ARG C 107 -9.36 -16.12 -9.44
C ARG C 107 -8.33 -16.40 -8.34
N GLN C 108 -7.11 -15.90 -8.52
CA GLN C 108 -6.05 -16.01 -7.49
C GLN C 108 -6.48 -15.26 -6.22
N PHE C 109 -6.89 -14.00 -6.37
CA PHE C 109 -7.33 -13.19 -5.23
C PHE C 109 -8.70 -13.58 -4.69
N ASP C 110 -9.52 -14.19 -5.55
CA ASP C 110 -10.93 -14.51 -5.28
C ASP C 110 -11.79 -13.24 -5.07
N VAL C 111 -11.70 -12.30 -6.01
CA VAL C 111 -12.43 -11.04 -5.88
C VAL C 111 -13.63 -10.97 -6.81
N ASP C 112 -14.64 -10.22 -6.38
CA ASP C 112 -15.79 -9.89 -7.22
C ASP C 112 -15.41 -8.81 -8.25
N ILE C 113 -14.59 -7.84 -7.81
CA ILE C 113 -14.12 -6.76 -8.66
C ILE C 113 -12.60 -6.67 -8.61
N LEU C 114 -11.96 -6.49 -9.77
CA LEU C 114 -10.51 -6.37 -9.86
C LEU C 114 -10.14 -5.01 -10.41
N ILE C 115 -9.41 -4.23 -9.62
CA ILE C 115 -8.97 -2.91 -10.01
C ILE C 115 -7.50 -3.01 -10.30
N SER C 116 -7.11 -2.53 -11.49
CA SER C 116 -5.70 -2.43 -11.88
C SER C 116 -5.48 -1.20 -12.74
N GLY C 117 -4.20 -0.86 -12.92
CA GLY C 117 -3.82 0.39 -13.58
C GLY C 117 -2.85 0.18 -14.69
N HIS C 118 -1.79 0.99 -14.69
CA HIS C 118 -0.62 0.83 -15.54
C HIS C 118 -0.80 1.15 -17.02
N THR C 119 -1.92 0.78 -17.63
CA THR C 119 -2.14 1.07 -19.07
C THR C 119 -2.44 2.55 -19.38
N HIS C 120 -2.88 3.30 -18.38
CA HIS C 120 -3.37 4.69 -18.55
C HIS C 120 -4.59 4.74 -19.48
N LYS C 121 -5.34 3.65 -19.55
CA LYS C 121 -6.51 3.50 -20.41
C LYS C 121 -7.64 3.00 -19.53
N PHE C 122 -8.73 3.75 -19.47
CA PHE C 122 -9.77 3.43 -18.53
C PHE C 122 -10.53 2.20 -19.04
N GLU C 123 -11.02 1.40 -18.10
CA GLU C 123 -11.76 0.17 -18.39
C GLU C 123 -12.85 -0.01 -17.37
N ALA C 124 -14.00 -0.52 -17.81
CA ALA C 124 -14.99 -1.04 -16.86
C ALA C 124 -15.85 -1.99 -17.65
N PHE C 125 -15.80 -3.27 -17.29
CA PHE C 125 -16.51 -4.29 -18.04
C PHE C 125 -16.65 -5.57 -17.25
N GLU C 126 -17.75 -6.26 -17.54
CA GLU C 126 -18.04 -7.55 -16.97
C GLU C 126 -17.43 -8.60 -17.90
N HIS C 127 -16.71 -9.56 -17.34
CA HIS C 127 -16.20 -10.70 -18.07
C HIS C 127 -16.30 -11.94 -17.19
N GLU C 128 -17.17 -12.86 -17.62
CA GLU C 128 -17.41 -14.13 -16.93
C GLU C 128 -17.87 -13.91 -15.50
N ASN C 129 -18.93 -13.10 -15.38
CA ASN C 129 -19.63 -12.81 -14.13
C ASN C 129 -18.85 -12.00 -13.08
N LYS C 130 -17.66 -11.53 -13.46
CA LYS C 130 -16.79 -10.74 -12.59
C LYS C 130 -16.56 -9.39 -13.25
N PHE C 131 -16.12 -8.42 -12.48
CA PHE C 131 -16.01 -7.05 -12.97
C PHE C 131 -14.59 -6.53 -12.88
N TYR C 132 -14.20 -5.72 -13.87
CA TYR C 132 -12.80 -5.27 -14.01
C TYR C 132 -12.76 -3.76 -14.25
N ILE C 133 -11.98 -3.05 -13.43
CA ILE C 133 -11.88 -1.60 -13.49
C ILE C 133 -10.43 -1.19 -13.64
N ASN C 134 -10.19 -0.24 -14.53
CA ASN C 134 -8.95 0.49 -14.64
C ASN C 134 -9.39 1.94 -14.70
N PRO C 135 -8.97 2.75 -13.70
CA PRO C 135 -9.41 4.12 -13.64
C PRO C 135 -8.71 5.03 -14.64
N GLY C 136 -7.62 4.53 -15.26
CA GLY C 136 -6.82 5.32 -16.17
C GLY C 136 -5.88 6.17 -15.36
N SER C 137 -5.29 7.18 -15.99
CA SER C 137 -4.42 8.11 -15.30
C SER C 137 -5.22 9.36 -15.00
N ALA C 138 -5.28 9.74 -13.73
CA ALA C 138 -6.01 10.94 -13.29
C ALA C 138 -5.40 12.25 -13.73
N THR C 139 -4.15 12.21 -14.15
CA THR C 139 -3.39 13.36 -14.62
C THR C 139 -3.22 13.33 -16.12
N GLY C 140 -3.60 12.23 -16.77
CA GLY C 140 -3.37 12.06 -18.20
C GLY C 140 -1.89 11.95 -18.55
N ALA C 141 -1.10 11.36 -17.66
CA ALA C 141 0.34 11.25 -17.88
C ALA C 141 0.59 10.34 -19.06
N TYR C 142 1.66 10.63 -19.81
CA TYR C 142 2.10 9.74 -20.87
C TYR C 142 2.45 8.37 -20.26
N ASN C 143 2.18 7.30 -21.02
CA ASN C 143 2.66 5.95 -20.70
C ASN C 143 3.86 5.60 -21.58
N ALA C 144 4.40 4.39 -21.40
CA ALA C 144 5.58 3.93 -22.17
C ALA C 144 5.39 3.92 -23.69
N LEU C 145 4.14 3.84 -24.16
CA LEU C 145 3.80 3.74 -25.56
C LEU C 145 3.19 5.02 -26.14
N GLU C 146 2.75 5.93 -25.28
CA GLU C 146 1.90 7.04 -25.74
C GLU C 146 1.87 8.24 -24.82
N THR C 147 1.76 9.40 -25.45
CA THR C 147 1.33 10.64 -24.84
C THR C 147 -0.12 10.79 -25.34
N ASN C 148 -0.71 11.98 -25.20
CA ASN C 148 -2.08 12.22 -25.68
C ASN C 148 -3.04 11.21 -25.04
N ILE C 149 -3.13 11.32 -23.72
CA ILE C 149 -3.90 10.42 -22.87
C ILE C 149 -4.96 11.27 -22.17
N ILE C 150 -6.15 10.71 -22.04
CA ILE C 150 -7.28 11.41 -21.44
C ILE C 150 -7.28 11.28 -19.90
N PRO C 151 -7.19 12.41 -19.17
CA PRO C 151 -7.26 12.29 -17.72
C PRO C 151 -8.55 11.66 -17.25
N SER C 152 -8.48 10.70 -16.32
CA SER C 152 -9.67 10.04 -15.82
C SER C 152 -9.52 9.41 -14.45
N PHE C 153 -10.68 9.18 -13.85
CA PHE C 153 -10.79 8.41 -12.63
C PHE C 153 -12.20 7.85 -12.49
N VAL C 154 -12.37 7.01 -11.47
CA VAL C 154 -13.61 6.31 -11.23
C VAL C 154 -14.12 6.52 -9.82
N LEU C 155 -15.43 6.57 -9.70
CA LEU C 155 -16.12 6.56 -8.43
C LEU C 155 -17.08 5.41 -8.50
N MET C 156 -16.95 4.51 -7.54
CA MET C 156 -17.89 3.41 -7.36
C MET C 156 -18.91 3.80 -6.29
N ASP C 157 -20.18 3.57 -6.57
CA ASP C 157 -21.27 3.77 -5.60
C ASP C 157 -21.76 2.36 -5.27
N ILE C 158 -21.39 1.86 -4.10
CA ILE C 158 -21.68 0.48 -3.74
C ILE C 158 -22.88 0.42 -2.79
N GLN C 159 -23.87 -0.39 -3.15
CA GLN C 159 -25.07 -0.57 -2.34
C GLN C 159 -25.64 -1.95 -2.59
N ALA C 160 -25.84 -2.72 -1.52
CA ALA C 160 -26.42 -4.04 -1.58
C ALA C 160 -25.62 -4.97 -2.51
N SER C 161 -26.29 -5.66 -3.44
CA SER C 161 -25.67 -6.59 -4.39
C SER C 161 -25.14 -5.89 -5.66
N THR C 162 -25.10 -4.55 -5.68
CA THR C 162 -24.97 -3.76 -6.89
C THR C 162 -23.92 -2.66 -6.72
N VAL C 163 -23.10 -2.47 -7.76
CA VAL C 163 -22.08 -1.42 -7.77
C VAL C 163 -22.29 -0.57 -9.00
N VAL C 164 -22.56 0.73 -8.78
CA VAL C 164 -22.66 1.67 -9.88
C VAL C 164 -21.30 2.32 -10.05
N THR C 165 -20.74 2.22 -11.25
CA THR C 165 -19.40 2.71 -11.51
C THR C 165 -19.54 3.92 -12.41
N TYR C 166 -19.05 5.04 -11.91
CA TYR C 166 -19.01 6.28 -12.69
C TYR C 166 -17.58 6.60 -13.10
N VAL C 167 -17.36 6.71 -14.41
CA VAL C 167 -16.08 7.13 -14.96
C VAL C 167 -16.15 8.60 -15.30
N TYR C 168 -15.20 9.37 -14.76
CA TYR C 168 -15.08 10.79 -15.05
C TYR C 168 -13.88 10.99 -15.98
N GLN C 169 -14.07 11.66 -17.13
CA GLN C 169 -12.99 11.93 -18.06
C GLN C 169 -13.00 13.38 -18.50
N LEU C 170 -11.82 14.00 -18.54
CA LEU C 170 -11.69 15.36 -19.05
C LEU C 170 -11.47 15.28 -20.55
N ILE C 171 -12.49 15.69 -21.31
CA ILE C 171 -12.43 15.60 -22.74
C ILE C 171 -12.81 16.96 -23.29
N GLY C 172 -11.90 17.56 -24.04
CA GLY C 172 -12.04 18.94 -24.43
C GLY C 172 -12.22 19.82 -23.21
N ASP C 173 -13.31 20.58 -23.19
CA ASP C 173 -13.59 21.53 -22.13
C ASP C 173 -14.41 20.98 -20.94
N ASP C 174 -14.95 19.77 -21.05
CA ASP C 174 -15.87 19.26 -20.02
C ASP C 174 -15.37 17.99 -19.36
N VAL C 175 -15.78 17.78 -18.12
CA VAL C 175 -15.65 16.50 -17.46
C VAL C 175 -16.89 15.70 -17.85
N LYS C 176 -16.72 14.68 -18.66
CA LYS C 176 -17.84 13.80 -19.04
C LYS C 176 -17.84 12.64 -18.08
N VAL C 177 -19.05 12.23 -17.69
CA VAL C 177 -19.30 11.12 -16.76
C VAL C 177 -20.08 10.03 -17.47
N GLU C 178 -19.63 8.79 -17.34
CA GLU C 178 -20.36 7.61 -17.82
C GLU C 178 -20.72 6.72 -16.64
N ARG C 179 -21.83 6.01 -16.76
CA ARG C 179 -22.38 5.16 -15.71
C ARG C 179 -22.50 3.72 -16.22
N ILE C 180 -21.80 2.80 -15.55
CA ILE C 180 -21.91 1.37 -15.81
C ILE C 180 -22.34 0.69 -14.52
N GLU C 181 -23.16 -0.34 -14.64
CA GLU C 181 -23.78 -0.97 -13.49
C GLU C 181 -23.39 -2.43 -13.44
N TYR C 182 -23.16 -2.94 -12.23
CA TYR C 182 -22.76 -4.34 -12.06
C TYR C 182 -23.42 -4.94 -10.84
N LYS C 183 -24.13 -6.03 -11.06
CA LYS C 183 -24.76 -6.76 -9.98
C LYS C 183 -24.06 -8.08 -9.84
N LYS C 184 -23.84 -8.46 -8.58
CA LYS C 184 -23.23 -9.74 -8.23
C LYS C 184 -24.22 -10.83 -8.64
N PRO C 185 -23.77 -11.77 -9.50
CA PRO C 185 -24.69 -12.87 -9.80
C PRO C 185 -24.82 -13.78 -8.59
N LEU D 1 -54.04 39.29 -28.90
CA LEU D 1 -53.91 40.25 -30.03
C LEU D 1 -54.93 39.97 -31.13
N GLU D 2 -54.80 38.81 -31.76
CA GLU D 2 -55.58 38.47 -32.95
C GLU D 2 -55.72 36.96 -33.18
N GLU D 3 -56.52 36.63 -34.19
CA GLU D 3 -56.76 35.26 -34.63
C GLU D 3 -56.01 34.98 -35.96
N TYR D 4 -55.52 33.74 -36.12
CA TYR D 4 -55.17 33.18 -37.43
C TYR D 4 -56.38 32.57 -38.15
N ILE D 5 -56.18 32.14 -39.40
CA ILE D 5 -57.28 31.64 -40.27
C ILE D 5 -56.94 30.27 -40.91
N ARG D 6 -57.25 29.20 -40.19
CA ARG D 6 -57.07 27.81 -40.64
C ARG D 6 -58.41 27.09 -40.48
N MET D 7 -58.76 26.23 -41.45
CA MET D 7 -59.89 25.29 -41.30
C MET D 7 -59.58 24.06 -40.41
N ALA D 8 -58.30 23.74 -40.19
CA ALA D 8 -57.89 22.53 -39.50
C ALA D 8 -58.18 22.52 -37.99
N LYS D 9 -58.13 21.32 -37.41
CA LYS D 9 -58.53 21.08 -36.01
C LYS D 9 -57.39 21.15 -34.99
N ASN D 10 -56.20 21.60 -35.40
CA ASN D 10 -55.03 21.67 -34.50
C ASN D 10 -55.33 22.31 -33.14
N LYS D 11 -55.83 23.54 -33.15
CA LYS D 11 -56.14 24.28 -31.93
C LYS D 11 -57.25 23.62 -31.12
N GLU D 12 -58.23 23.05 -31.81
CA GLU D 12 -59.33 22.33 -31.15
C GLU D 12 -58.85 21.23 -30.20
N PHE D 13 -58.01 20.34 -30.72
CA PHE D 13 -57.46 19.25 -29.92
C PHE D 13 -56.62 19.74 -28.75
N PHE D 14 -55.84 20.79 -28.98
CA PHE D 14 -55.09 21.45 -27.92
C PHE D 14 -56.03 21.94 -26.80
N ASP D 15 -57.05 22.73 -27.16
CA ASP D 15 -58.01 23.27 -26.19
C ASP D 15 -58.85 22.17 -25.53
N ALA D 16 -59.26 21.18 -26.32
CA ALA D 16 -59.99 20.00 -25.82
C ALA D 16 -59.21 19.24 -24.74
N LEU D 17 -57.90 19.07 -24.97
CA LEU D 17 -57.02 18.44 -23.98
C LEU D 17 -56.90 19.25 -22.70
N GLU D 18 -56.79 20.57 -22.85
CA GLU D 18 -56.87 21.49 -21.72
C GLU D 18 -58.11 21.18 -20.88
N GLU D 19 -59.29 21.18 -21.54
CA GLU D 19 -60.58 20.97 -20.85
C GLU D 19 -60.69 19.59 -20.24
N ILE D 20 -60.35 18.57 -21.01
CA ILE D 20 -60.48 17.19 -20.52
C ILE D 20 -59.66 17.01 -19.24
N ALA D 21 -58.51 17.69 -19.16
CA ALA D 21 -57.66 17.64 -17.97
C ALA D 21 -58.28 18.26 -16.70
N GLU D 22 -59.07 19.32 -16.84
CA GLU D 22 -59.75 19.93 -15.69
C GLU D 22 -60.80 18.98 -15.11
N SER D 23 -61.56 18.34 -16.00
CA SER D 23 -62.57 17.37 -15.61
C SER D 23 -61.95 16.16 -14.93
N ALA D 24 -60.77 15.76 -15.41
CA ALA D 24 -60.08 14.57 -14.90
C ALA D 24 -59.59 14.69 -13.46
N LYS D 25 -59.42 15.92 -12.96
CA LYS D 25 -58.98 16.16 -11.57
C LYS D 25 -59.90 15.50 -10.51
N ASN D 26 -61.17 15.32 -10.86
CA ASN D 26 -62.10 14.53 -10.07
C ASN D 26 -62.19 13.11 -10.61
N ASP D 27 -62.60 13.00 -11.87
CA ASP D 27 -62.96 11.73 -12.51
C ASP D 27 -61.74 10.83 -12.75
N GLU D 28 -61.62 9.76 -11.97
CA GLU D 28 -60.49 8.83 -12.05
C GLU D 28 -60.46 8.03 -13.35
N THR D 29 -61.62 7.51 -13.77
CA THR D 29 -61.74 6.77 -15.04
C THR D 29 -61.30 7.61 -16.22
N LEU D 30 -61.72 8.88 -16.24
CA LEU D 30 -61.29 9.84 -17.24
C LEU D 30 -59.78 10.15 -17.17
N ARG D 31 -59.24 10.23 -15.96
CA ARG D 31 -57.78 10.45 -15.79
C ARG D 31 -56.96 9.36 -16.48
N ASN D 32 -57.36 8.11 -16.26
CA ASN D 32 -56.69 6.95 -16.85
C ASN D 32 -56.88 6.86 -18.38
N GLU D 33 -58.09 7.15 -18.86
CA GLU D 33 -58.35 7.25 -20.31
C GLU D 33 -57.48 8.34 -20.96
N LEU D 34 -57.47 9.53 -20.36
CA LEU D 34 -56.64 10.63 -20.84
C LEU D 34 -55.14 10.32 -20.77
N ALA D 35 -54.72 9.60 -19.75
CA ALA D 35 -53.33 9.18 -19.61
C ALA D 35 -52.90 8.34 -20.79
N LYS D 36 -53.70 7.32 -21.09
CA LYS D 36 -53.45 6.41 -22.24
C LYS D 36 -53.32 7.17 -23.54
N VAL D 37 -54.30 8.03 -23.79
CA VAL D 37 -54.35 8.87 -25.00
C VAL D 37 -53.06 9.67 -25.15
N LEU D 38 -52.70 10.41 -24.09
CA LEU D 38 -51.47 11.20 -24.06
C LEU D 38 -50.19 10.36 -24.19
N ASP D 39 -50.16 9.19 -23.55
CA ASP D 39 -49.06 8.24 -23.71
C ASP D 39 -48.90 7.84 -25.20
N ASP D 40 -50.02 7.55 -25.84
CA ASP D 40 -50.01 7.20 -27.28
C ASP D 40 -49.51 8.31 -28.19
N ILE D 41 -49.83 9.56 -27.86
CA ILE D 41 -49.33 10.70 -28.61
C ILE D 41 -47.82 10.83 -28.39
N LEU D 42 -47.38 10.64 -27.15
CA LEU D 42 -45.98 10.86 -26.83
C LEU D 42 -45.04 9.82 -27.45
N LYS D 43 -45.48 8.55 -27.54
CA LYS D 43 -44.66 7.52 -28.25
C LYS D 43 -44.48 7.79 -29.75
N THR D 44 -45.43 8.53 -30.33
CA THR D 44 -45.43 8.84 -31.75
C THR D 44 -44.49 9.98 -32.10
N ASP D 45 -43.87 9.86 -33.29
CA ASP D 45 -42.93 10.85 -33.80
C ASP D 45 -43.71 12.01 -34.43
N PRO D 46 -43.58 13.22 -33.86
CA PRO D 46 -44.27 14.39 -34.47
C PRO D 46 -43.72 14.79 -35.84
N SER D 47 -42.46 14.43 -36.09
CA SER D 47 -41.79 14.67 -37.36
C SER D 47 -42.35 13.82 -38.52
N ASP D 48 -43.12 12.78 -38.19
CA ASP D 48 -43.75 11.88 -39.14
C ASP D 48 -45.27 12.19 -39.22
N PRO D 49 -45.67 13.15 -40.09
CA PRO D 49 -47.06 13.62 -40.13
C PRO D 49 -48.12 12.54 -40.29
N GLU D 50 -47.77 11.48 -41.03
CA GLU D 50 -48.70 10.36 -41.25
C GLU D 50 -48.99 9.59 -39.96
N ALA D 51 -47.95 9.20 -39.23
CA ALA D 51 -48.11 8.46 -37.98
C ALA D 51 -48.85 9.28 -36.93
N PHE D 52 -48.58 10.58 -36.94
CA PHE D 52 -49.14 11.50 -35.96
C PHE D 52 -50.61 11.77 -36.21
N ARG D 53 -51.01 11.95 -37.46
CA ARG D 53 -52.42 12.05 -37.81
C ARG D 53 -53.14 10.75 -37.44
N LYS D 54 -52.51 9.61 -37.74
CA LYS D 54 -53.09 8.30 -37.50
C LYS D 54 -53.37 8.06 -36.01
N ILE D 55 -52.44 8.43 -35.15
CA ILE D 55 -52.59 8.14 -33.70
C ILE D 55 -53.69 9.01 -33.07
N VAL D 56 -53.76 10.28 -33.47
CA VAL D 56 -54.84 11.16 -33.03
C VAL D 56 -56.16 10.63 -33.58
N ALA D 57 -56.14 10.23 -34.84
CA ALA D 57 -57.31 9.66 -35.52
C ALA D 57 -57.87 8.40 -34.84
N GLU D 58 -57.01 7.51 -34.37
CA GLU D 58 -57.45 6.22 -33.80
C GLU D 58 -58.12 6.33 -32.41
N HIS D 59 -57.99 7.48 -31.75
CA HIS D 59 -58.66 7.70 -30.44
C HIS D 59 -60.01 8.41 -30.58
N GLN D 60 -60.70 8.12 -31.67
CA GLN D 60 -61.93 8.80 -32.05
C GLN D 60 -63.04 8.59 -31.03
N GLU D 61 -63.11 7.41 -30.44
CA GLU D 61 -64.09 7.11 -29.38
C GLU D 61 -63.93 8.08 -28.22
N PHE D 62 -62.69 8.24 -27.78
CA PHE D 62 -62.36 9.16 -26.72
C PHE D 62 -62.72 10.61 -27.07
N TRP D 63 -62.38 11.05 -28.29
CA TRP D 63 -62.66 12.43 -28.71
C TRP D 63 -64.16 12.71 -28.79
N ASP D 64 -64.91 11.76 -29.38
CA ASP D 64 -66.37 11.86 -29.49
C ASP D 64 -67.08 11.96 -28.14
N GLU D 65 -66.54 11.29 -27.12
CA GLU D 65 -67.09 11.38 -25.75
C GLU D 65 -67.11 12.81 -25.24
N HIS D 66 -66.02 13.52 -25.45
CA HIS D 66 -65.92 14.91 -25.01
C HIS D 66 -66.64 15.83 -25.98
N ASP D 67 -66.19 15.82 -27.24
CA ASP D 67 -66.69 16.75 -28.26
C ASP D 67 -66.80 16.03 -29.63
N PRO D 68 -68.03 15.77 -30.08
CA PRO D 68 -68.19 15.17 -31.42
C PRO D 68 -67.68 16.02 -32.61
N SER D 69 -67.55 17.34 -32.42
CA SER D 69 -67.04 18.24 -33.47
C SER D 69 -65.56 18.04 -33.84
N LEU D 70 -64.78 17.41 -32.97
CA LEU D 70 -63.34 17.20 -33.23
C LEU D 70 -63.11 16.31 -34.46
N MET D 71 -63.85 15.21 -34.51
CA MET D 71 -63.76 14.24 -35.62
C MET D 71 -64.86 14.36 -36.67
N GLU D 72 -65.50 15.53 -36.74
CA GLU D 72 -66.63 15.74 -37.62
C GLU D 72 -66.15 15.99 -39.04
N PHE D 73 -66.72 15.27 -40.01
CA PHE D 73 -66.47 15.50 -41.43
C PHE D 73 -67.67 15.10 -42.26
N ASN D 74 -68.20 16.06 -43.02
CA ASN D 74 -69.47 15.90 -43.73
C ASN D 74 -69.19 15.43 -45.17
N GLU D 75 -68.99 14.13 -45.31
CA GLU D 75 -68.53 13.51 -46.56
C GLU D 75 -69.60 13.52 -47.66
N GLY D 76 -69.80 14.71 -48.22
CA GLY D 76 -70.68 14.89 -49.36
C GLY D 76 -70.10 14.28 -50.63
N ARG D 77 -70.92 13.55 -51.37
CA ARG D 77 -70.52 12.99 -52.68
C ARG D 77 -70.13 14.09 -53.71
N PHE D 78 -71.02 15.04 -54.00
CA PHE D 78 -70.71 16.19 -54.89
C PHE D 78 -69.67 17.19 -54.30
N PHE D 79 -69.14 16.90 -53.11
CA PHE D 79 -68.15 17.74 -52.44
C PHE D 79 -66.77 17.12 -52.66
N GLY D 80 -65.71 17.83 -52.25
CA GLY D 80 -64.34 17.44 -52.57
C GLY D 80 -63.85 16.14 -51.95
N LYS D 81 -63.31 16.24 -50.73
CA LYS D 81 -62.51 15.14 -50.15
C LYS D 81 -63.33 13.98 -49.58
N SER D 82 -62.69 12.81 -49.52
CA SER D 82 -63.21 11.62 -48.83
C SER D 82 -62.82 11.68 -47.36
N ARG D 83 -63.46 10.85 -46.54
CA ARG D 83 -63.22 10.83 -45.09
C ARG D 83 -61.87 10.22 -44.79
N LYS D 84 -61.59 9.10 -45.44
CA LYS D 84 -60.27 8.45 -45.44
C LYS D 84 -59.18 9.46 -45.79
N GLN D 85 -59.42 10.18 -46.89
CA GLN D 85 -58.48 11.16 -47.42
C GLN D 85 -58.37 12.40 -46.54
N TYR D 86 -59.50 12.80 -45.93
CA TYR D 86 -59.57 13.90 -44.96
C TYR D 86 -58.69 13.62 -43.71
N LEU D 87 -58.85 12.44 -43.13
CA LEU D 87 -58.06 12.04 -41.94
C LEU D 87 -56.54 11.90 -42.15
N LYS D 88 -56.12 11.82 -43.42
CA LYS D 88 -54.70 11.82 -43.78
C LYS D 88 -54.22 13.18 -44.31
N SER D 89 -55.03 14.24 -44.17
CA SER D 89 -54.76 15.53 -44.80
C SER D 89 -54.56 16.70 -43.83
N ASP D 90 -54.14 17.83 -44.39
CA ASP D 90 -53.92 19.07 -43.65
C ASP D 90 -55.20 19.73 -43.13
N ASP D 91 -56.31 19.53 -43.81
CA ASP D 91 -57.59 20.13 -43.39
C ASP D 91 -58.20 19.43 -42.17
N PHE D 92 -57.69 18.24 -41.83
CA PHE D 92 -57.95 17.60 -40.53
C PHE D 92 -56.96 18.10 -39.49
N LEU D 93 -55.67 17.97 -39.79
CA LEU D 93 -54.57 18.40 -38.91
C LEU D 93 -53.37 18.72 -39.79
N ASN D 94 -52.92 19.97 -39.83
CA ASN D 94 -51.83 20.31 -40.75
C ASN D 94 -50.49 20.46 -40.04
N SER D 95 -49.46 19.89 -40.67
CA SER D 95 -48.11 19.83 -40.12
C SER D 95 -47.38 21.17 -40.11
N THR D 96 -47.73 22.07 -41.04
CA THR D 96 -47.08 23.39 -41.09
C THR D 96 -47.92 24.50 -40.42
N ASP D 97 -48.81 24.13 -39.50
CA ASP D 97 -49.52 25.11 -38.69
C ASP D 97 -48.52 26.08 -38.03
N PRO D 98 -48.82 27.40 -38.04
CA PRO D 98 -47.87 28.38 -37.49
C PRO D 98 -47.73 28.41 -35.97
N THR D 99 -48.65 27.80 -35.22
CA THR D 99 -48.60 27.82 -33.74
C THR D 99 -48.93 26.50 -33.01
N TYR D 100 -49.68 25.59 -33.65
CA TYR D 100 -49.98 24.26 -33.09
C TYR D 100 -49.63 23.17 -34.08
N ASN D 101 -48.40 23.21 -34.61
CA ASN D 101 -47.89 22.07 -35.40
C ASN D 101 -47.71 20.84 -34.51
N PHE D 102 -47.34 19.72 -35.10
CA PHE D 102 -47.30 18.47 -34.39
C PHE D 102 -46.23 18.43 -33.30
N GLN D 103 -45.10 19.09 -33.54
CA GLN D 103 -44.08 19.31 -32.49
C GLN D 103 -44.67 19.98 -31.26
N LYS D 104 -45.41 21.07 -31.47
CA LYS D 104 -46.02 21.83 -30.37
C LYS D 104 -47.06 21.03 -29.63
N LEU D 105 -47.83 20.22 -30.36
CA LEU D 105 -48.83 19.35 -29.74
C LEU D 105 -48.20 18.19 -28.96
N HIS D 106 -47.11 17.65 -29.49
CA HIS D 106 -46.34 16.61 -28.81
C HIS D 106 -45.73 17.17 -27.51
N GLN D 107 -45.13 18.36 -27.60
CA GLN D 107 -44.63 19.07 -26.41
C GLN D 107 -45.73 19.35 -25.39
N PHE D 108 -46.86 19.85 -25.87
CA PHE D 108 -48.02 20.13 -25.03
C PHE D 108 -48.52 18.89 -24.35
N ALA D 109 -48.60 17.79 -25.08
CA ALA D 109 -49.05 16.52 -24.51
C ALA D 109 -48.13 16.00 -23.42
N ALA D 110 -46.84 16.30 -23.54
CA ALA D 110 -45.83 15.91 -22.53
C ALA D 110 -46.04 16.68 -21.23
N GLU D 111 -46.19 17.98 -21.36
CA GLU D 111 -46.50 18.83 -20.23
C GLU D 111 -47.81 18.42 -19.55
N GLN D 112 -48.84 18.09 -20.33
CA GLN D 112 -50.13 17.68 -19.77
C GLN D 112 -50.07 16.35 -19.06
N ARG D 113 -49.20 15.46 -19.52
CA ARG D 113 -49.05 14.13 -18.92
C ARG D 113 -48.40 14.23 -17.54
N VAL D 114 -47.37 15.06 -17.42
CA VAL D 114 -46.75 15.29 -16.12
C VAL D 114 -47.76 15.98 -15.20
N LYS D 115 -48.38 17.06 -15.68
CA LYS D 115 -49.41 17.75 -14.90
C LYS D 115 -50.56 16.85 -14.44
N LEU D 116 -50.95 15.89 -15.27
CA LEU D 116 -52.05 14.98 -14.95
C LEU D 116 -51.71 14.15 -13.73
N GLY D 117 -50.51 13.53 -13.73
CA GLY D 117 -50.04 12.71 -12.61
C GLY D 117 -49.59 13.47 -11.37
N LEU D 118 -49.27 14.75 -11.55
CA LEU D 118 -48.87 15.61 -10.43
C LEU D 118 -50.02 15.87 -9.47
N GLU D 119 -51.22 16.08 -10.03
CA GLU D 119 -52.42 16.39 -9.24
C GLU D 119 -52.60 15.53 -7.99
N LYS D 120 -52.48 14.21 -8.14
CA LYS D 120 -52.70 13.27 -7.02
C LYS D 120 -51.41 12.76 -6.37
N SER D 121 -50.27 13.39 -6.68
CA SER D 121 -48.99 12.94 -6.15
C SER D 121 -48.67 13.61 -4.81
N ASP D 122 -47.81 12.94 -4.02
CA ASP D 122 -47.61 13.27 -2.62
C ASP D 122 -46.69 14.47 -2.44
N THR D 123 -46.63 15.00 -1.22
CA THR D 123 -45.88 16.19 -0.93
C THR D 123 -44.40 16.04 -1.26
N ASP D 124 -43.82 14.88 -0.97
CA ASP D 124 -42.42 14.65 -1.29
C ASP D 124 -42.13 14.83 -2.78
N THR D 125 -43.03 14.31 -3.63
CA THR D 125 -42.92 14.43 -5.08
C THR D 125 -42.99 15.88 -5.56
N LEU D 126 -43.94 16.62 -5.02
CA LEU D 126 -44.13 18.03 -5.38
C LEU D 126 -42.92 18.87 -5.02
N VAL D 127 -42.31 18.56 -3.89
CA VAL D 127 -41.13 19.30 -3.43
C VAL D 127 -39.92 18.95 -4.30
N ALA D 128 -39.81 17.68 -4.71
CA ALA D 128 -38.74 17.30 -5.61
C ALA D 128 -38.84 18.08 -6.94
N ILE D 129 -40.06 18.30 -7.41
CA ILE D 129 -40.28 19.09 -8.63
C ILE D 129 -39.77 20.52 -8.45
N LEU D 130 -40.15 21.11 -7.32
CA LEU D 130 -39.72 22.45 -6.96
C LEU D 130 -38.24 22.64 -6.70
N LYS D 131 -37.60 21.68 -6.06
CA LYS D 131 -36.18 21.84 -5.70
C LYS D 131 -35.20 21.67 -6.86
N ASN D 132 -35.55 20.85 -7.84
CA ASN D 132 -34.68 20.52 -8.96
C ASN D 132 -34.66 21.56 -10.09
N ASN D 133 -33.50 21.74 -10.72
CA ASN D 133 -33.40 22.58 -11.93
C ASN D 133 -34.03 21.80 -13.08
N PRO D 134 -34.23 22.45 -14.25
CA PRO D 134 -34.92 21.77 -15.36
C PRO D 134 -34.35 20.41 -15.75
N GLU D 135 -33.03 20.34 -15.90
CA GLU D 135 -32.35 19.08 -16.24
C GLU D 135 -32.48 18.03 -15.16
N GLU D 136 -32.36 18.42 -13.90
CA GLU D 136 -32.56 17.47 -12.80
C GLU D 136 -34.02 17.01 -12.75
N CYS D 137 -34.91 17.98 -13.01
CA CYS D 137 -36.35 17.74 -13.01
C CYS D 137 -36.77 16.70 -14.06
N ARG D 138 -36.26 16.85 -15.27
CA ARG D 138 -36.56 15.89 -16.33
C ARG D 138 -36.14 14.49 -15.94
N ALA D 139 -34.99 14.38 -15.28
CA ALA D 139 -34.50 13.06 -14.86
C ALA D 139 -35.30 12.54 -13.71
N TYR D 140 -35.81 13.45 -12.87
CA TYR D 140 -36.65 13.07 -11.74
C TYR D 140 -37.99 12.52 -12.25
N ILE D 141 -38.57 13.19 -13.25
CA ILE D 141 -39.79 12.67 -13.90
C ILE D 141 -39.59 11.23 -14.45
N GLU D 142 -38.45 10.98 -15.08
CA GLU D 142 -38.10 9.62 -15.51
C GLU D 142 -38.03 8.63 -14.37
N SER D 143 -37.50 9.05 -13.23
CA SER D 143 -37.41 8.18 -12.04
C SER D 143 -38.78 7.74 -11.49
N LYS D 144 -39.81 8.57 -11.70
CA LYS D 144 -41.16 8.28 -11.18
C LYS D 144 -42.07 7.50 -12.14
N LYS D 145 -41.61 7.18 -13.35
CA LYS D 145 -42.41 6.42 -14.33
C LYS D 145 -43.04 5.17 -13.70
N PRO D 146 -44.29 4.84 -14.01
CA PRO D 146 -45.21 5.56 -14.92
C PRO D 146 -45.99 6.73 -14.30
N GLY D 147 -45.73 7.04 -13.02
CA GLY D 147 -46.49 8.01 -12.25
C GLY D 147 -46.74 9.33 -12.96
N LEU D 148 -45.67 9.92 -13.48
CA LEU D 148 -45.80 11.19 -14.17
C LEU D 148 -45.63 10.98 -15.66
N GLY D 149 -45.99 9.79 -16.15
CA GLY D 149 -45.82 9.41 -17.55
C GLY D 149 -44.66 8.47 -17.77
N ASN D 150 -44.57 7.91 -18.97
CA ASN D 150 -43.57 6.89 -19.31
C ASN D 150 -42.33 7.51 -19.93
N PHE D 151 -41.84 8.59 -19.33
CA PHE D 151 -40.74 9.36 -19.91
C PHE D 151 -39.48 8.52 -19.80
N SER D 152 -39.05 7.98 -20.95
CA SER D 152 -37.90 7.08 -21.04
C SER D 152 -37.58 6.86 -22.52
N GLU D 153 -36.34 6.48 -22.84
CA GLU D 153 -35.97 6.14 -24.21
C GLU D 153 -36.94 5.11 -24.75
N GLY D 154 -37.29 5.24 -26.03
CA GLY D 154 -38.24 4.33 -26.67
C GLY D 154 -39.70 4.73 -26.54
N ASN D 155 -40.11 5.12 -25.33
CA ASN D 155 -41.52 5.25 -24.98
C ASN D 155 -42.08 6.66 -25.19
N VAL D 156 -41.20 7.66 -25.16
CA VAL D 156 -41.54 9.02 -25.51
C VAL D 156 -40.56 9.44 -26.59
N HIS D 157 -41.07 9.85 -27.75
CA HIS D 157 -40.21 10.13 -28.87
C HIS D 157 -39.40 11.41 -28.66
N GLY D 158 -38.09 11.30 -28.91
CA GLY D 158 -37.15 12.38 -28.67
C GLY D 158 -36.58 12.45 -27.25
N TRP D 159 -36.95 11.48 -26.41
CA TRP D 159 -36.48 11.49 -25.04
C TRP D 159 -35.07 10.94 -25.03
N LEU D 160 -34.16 11.70 -24.42
CA LEU D 160 -32.73 11.41 -24.49
C LEU D 160 -32.29 10.49 -23.37
N LYS D 161 -31.18 9.81 -23.65
CA LYS D 161 -30.43 9.06 -22.68
C LYS D 161 -30.07 10.00 -21.50
N GLU D 162 -30.15 9.44 -20.30
CA GLU D 162 -29.82 10.19 -19.09
C GLU D 162 -28.35 10.52 -19.06
N GLU D 163 -28.02 11.63 -18.44
CA GLU D 163 -26.63 12.05 -18.29
C GLU D 163 -26.36 12.35 -16.84
N TYR D 164 -25.08 12.52 -16.52
CA TYR D 164 -24.65 12.61 -15.12
C TYR D 164 -23.69 13.77 -14.94
N THR D 165 -23.96 14.58 -13.91
CA THR D 165 -23.14 15.74 -13.61
C THR D 165 -21.77 15.31 -13.08
N PRO D 166 -20.73 16.06 -13.45
CA PRO D 166 -19.37 15.82 -12.96
C PRO D 166 -19.22 16.38 -11.54
N THR D 167 -19.86 15.70 -10.60
CA THR D 167 -19.84 16.04 -9.20
C THR D 167 -19.67 14.74 -8.41
N ILE D 168 -19.30 14.85 -7.13
CA ILE D 168 -19.20 13.69 -6.24
C ILE D 168 -20.36 13.71 -5.22
N PRO D 169 -21.32 12.80 -5.29
CA PRO D 169 -21.54 11.88 -6.41
C PRO D 169 -22.24 12.62 -7.55
N PRO D 170 -22.39 11.96 -8.72
CA PRO D 170 -23.13 12.56 -9.83
C PRO D 170 -24.60 12.64 -9.58
N LYS D 171 -25.25 13.63 -10.16
CA LYS D 171 -26.71 13.70 -10.15
C LYS D 171 -27.19 13.35 -11.56
N ALA D 172 -28.26 12.56 -11.66
CA ALA D 172 -28.86 12.25 -12.94
C ALA D 172 -29.49 13.53 -13.53
N ILE D 173 -29.32 13.73 -14.84
CA ILE D 173 -29.92 14.86 -15.53
C ILE D 173 -30.34 14.43 -16.91
N ASN D 174 -31.26 15.19 -17.47
CA ASN D 174 -31.79 14.89 -18.78
C ASN D 174 -32.05 16.15 -19.55
N LYS D 175 -31.53 16.21 -20.78
CA LYS D 175 -31.57 17.42 -21.61
C LYS D 175 -32.65 17.45 -22.69
N SER D 176 -33.75 16.71 -22.47
CA SER D 176 -34.80 16.57 -23.49
C SER D 176 -35.71 17.81 -23.52
N THR D 177 -35.16 18.90 -24.00
CA THR D 177 -35.85 20.18 -24.06
C THR D 177 -36.88 20.19 -25.20
N GLY D 178 -36.61 19.42 -26.25
CA GLY D 178 -37.56 19.18 -27.34
C GLY D 178 -38.87 18.49 -26.97
N VAL D 179 -38.88 17.79 -25.84
CA VAL D 179 -40.06 17.14 -25.28
C VAL D 179 -40.67 18.01 -24.16
N LEU D 180 -39.91 18.22 -23.09
CA LEU D 180 -40.32 19.07 -21.97
C LEU D 180 -39.38 20.25 -21.94
N SER D 181 -39.87 21.38 -22.41
CA SER D 181 -39.06 22.58 -22.50
C SER D 181 -38.80 23.16 -21.13
N ASP D 182 -37.81 24.02 -21.02
CA ASP D 182 -37.59 24.74 -19.79
C ASP D 182 -38.87 25.48 -19.39
N GLU D 183 -39.60 26.05 -20.35
CA GLU D 183 -40.87 26.71 -20.03
C GLU D 183 -41.95 25.74 -19.51
N ALA D 184 -42.04 24.55 -20.10
CA ALA D 184 -42.99 23.57 -19.61
C ALA D 184 -42.72 23.26 -18.13
N ILE D 185 -41.46 22.99 -17.80
CA ILE D 185 -41.02 22.71 -16.41
C ILE D 185 -41.34 23.87 -15.45
N LYS D 186 -41.08 25.08 -15.89
CA LYS D 186 -41.46 26.25 -15.11
C LYS D 186 -42.97 26.23 -14.76
N ARG D 187 -43.80 25.79 -15.72
CA ARG D 187 -45.27 25.75 -15.52
C ARG D 187 -45.68 24.54 -14.68
N ILE D 188 -44.94 23.45 -14.85
CA ILE D 188 -45.11 22.25 -14.02
C ILE D 188 -44.81 22.59 -12.58
N LYS D 189 -43.72 23.32 -12.37
CA LYS D 189 -43.38 23.90 -11.07
C LYS D 189 -44.44 24.79 -10.52
N GLU D 190 -45.08 25.63 -11.34
CA GLU D 190 -46.16 26.53 -10.88
C GLU D 190 -47.34 25.72 -10.32
N GLN D 191 -47.72 24.66 -11.04
CA GLN D 191 -48.73 23.73 -10.57
C GLN D 191 -48.34 23.07 -9.23
N ALA D 192 -47.12 22.53 -9.16
CA ALA D 192 -46.62 21.87 -7.95
C ALA D 192 -46.75 22.77 -6.76
N ARG D 193 -46.44 24.05 -6.95
CA ARG D 193 -46.57 25.06 -5.89
C ARG D 193 -48.01 25.27 -5.46
N ASP D 194 -48.91 25.37 -6.42
CA ASP D 194 -50.34 25.55 -6.14
C ASP D 194 -50.89 24.39 -5.33
N LEU D 195 -50.44 23.17 -5.64
CA LEU D 195 -50.87 21.98 -4.93
C LEU D 195 -50.38 21.98 -3.49
N LEU D 196 -49.18 22.45 -3.25
CA LEU D 196 -48.65 22.64 -1.88
C LEU D 196 -49.33 23.78 -1.12
N LEU D 197 -49.96 24.72 -1.80
CA LEU D 197 -50.75 25.76 -1.14
C LEU D 197 -52.18 25.39 -0.82
N LEU D 198 -52.65 24.23 -1.32
CA LEU D 198 -53.95 23.68 -0.84
C LEU D 198 -53.89 23.44 0.68
#